data_2GM7
#
_entry.id   2GM7
#
_cell.length_a   113.757
_cell.length_b   134.926
_cell.length_c   144.029
_cell.angle_alpha   90.00
_cell.angle_beta   90.00
_cell.angle_gamma   90.00
#
_symmetry.space_group_name_H-M   'I 2 2 2'
#
loop_
_entity.id
_entity.type
_entity.pdbx_description
1 polymer 'tenA homolog/Thi-4 Thiaminase'
2 non-polymer 2-{2-[2-(2-{2-[2-(2-ETHOXY-ETHOXY)-ETHOXY]-ETHOXY}-ETHOXY)-ETHOXY]-ETHOXY}-ETHANOL
3 non-polymer GLYCEROL
4 non-polymer 'PHOSPHATE ION'
5 water water
#
_entity_poly.entity_id   1
_entity_poly.type   'polypeptide(L)'
_entity_poly.pdbx_seq_one_letter_code
;MALHHHHHHGVTGELRRRADGIWQRILAHPFVAELYAGTLPMEKFKYYLLQDYNYLVNFAKALSLAASRAPSVDLMKTAL
ELAYGTVTGEMANYEALLKEVGLSLRDAAEAEPNRVNVSYMAYLKSTCALEGFYQCMAALLPCFWSYAEIAERHGGKLRE
NPVHVYKKWASVYLSPEYRGLVERLRAVLDSSGLSAEELWPYFKEASLYELEFWQAAYEGH
;
_entity_poly.pdbx_strand_id   A,B,C,D
#
loop_
_chem_comp.id
_chem_comp.type
_chem_comp.name
_chem_comp.formula
GOL non-polymer GLYCEROL 'C3 H8 O3'
PE4 non-polymer 2-{2-[2-(2-{2-[2-(2-ETHOXY-ETHOXY)-ETHOXY]-ETHOXY}-ETHOXY)-ETHOXY]-ETHOXY}-ETHANOL 'C16 H34 O8'
PO4 non-polymer 'PHOSPHATE ION' 'O4 P -3'
#
# COMPACT_ATOMS: atom_id res chain seq x y z
N GLY A 10 25.03 -16.68 -9.84
CA GLY A 10 24.81 -15.71 -8.73
C GLY A 10 24.35 -14.35 -9.22
N VAL A 11 23.05 -14.25 -9.52
CA VAL A 11 22.41 -13.02 -10.04
C VAL A 11 22.92 -11.76 -9.34
N THR A 12 23.03 -11.84 -8.02
CA THR A 12 23.55 -10.72 -7.21
C THR A 12 24.91 -10.26 -7.71
N GLY A 13 25.75 -11.22 -8.08
CA GLY A 13 27.07 -10.95 -8.63
C GLY A 13 27.00 -10.14 -9.92
N GLU A 14 26.07 -10.51 -10.80
CA GLU A 14 25.87 -9.80 -12.08
C GLU A 14 25.47 -8.35 -11.81
N LEU A 15 24.45 -8.18 -10.96
CA LEU A 15 23.97 -6.86 -10.58
C LEU A 15 25.17 -6.00 -10.19
N ARG A 16 26.07 -6.59 -9.39
CA ARG A 16 27.30 -5.94 -8.96
C ARG A 16 28.21 -5.58 -10.15
N ARG A 17 28.40 -6.52 -11.07
CA ARG A 17 29.26 -6.31 -12.25
C ARG A 17 28.80 -5.13 -13.10
N ARG A 18 27.54 -5.14 -13.52
CA ARG A 18 26.98 -4.05 -14.32
C ARG A 18 27.06 -2.72 -13.57
N ALA A 19 26.86 -2.79 -12.26
CA ALA A 19 26.91 -1.61 -11.40
C ALA A 19 28.31 -1.05 -11.18
N ASP A 20 29.34 -1.89 -11.36
CA ASP A 20 30.75 -1.53 -11.11
C ASP A 20 31.09 -0.08 -11.46
N GLY A 21 30.69 0.35 -12.65
CA GLY A 21 30.94 1.72 -13.11
C GLY A 21 30.59 2.76 -12.06
N ILE A 22 29.37 2.63 -11.51
CA ILE A 22 28.87 3.59 -10.51
C ILE A 22 29.52 3.28 -9.15
N TRP A 23 29.52 2.00 -8.75
CA TRP A 23 30.11 1.52 -7.50
C TRP A 23 31.58 1.92 -7.37
N GLN A 24 32.33 1.77 -8.45
CA GLN A 24 33.74 2.12 -8.45
C GLN A 24 33.95 3.61 -8.16
N ARG A 25 32.99 4.43 -8.57
CA ARG A 25 33.02 5.87 -8.27
C ARG A 25 32.59 6.14 -6.82
N ILE A 26 31.78 5.24 -6.24
CA ILE A 26 31.41 5.32 -4.82
C ILE A 26 32.63 4.98 -3.96
N LEU A 27 33.21 3.81 -4.23
CA LEU A 27 34.36 3.29 -3.45
C LEU A 27 35.56 4.23 -3.44
N ALA A 28 35.69 5.03 -4.49
CA ALA A 28 36.78 6.00 -4.62
C ALA A 28 36.30 7.44 -4.36
N HIS A 29 35.22 7.58 -3.59
CA HIS A 29 34.65 8.90 -3.34
C HIS A 29 35.44 9.62 -2.24
N PRO A 30 35.65 10.94 -2.41
CA PRO A 30 36.34 11.80 -1.42
C PRO A 30 35.86 11.67 0.03
N PHE A 31 34.54 11.75 0.24
CA PHE A 31 33.97 11.63 1.59
C PHE A 31 34.38 10.33 2.27
N VAL A 32 34.13 9.22 1.59
CA VAL A 32 34.46 7.90 2.11
C VAL A 32 35.96 7.74 2.38
N ALA A 33 36.79 8.11 1.41
CA ALA A 33 38.25 8.04 1.55
C ALA A 33 38.75 8.83 2.78
N GLU A 34 38.34 10.09 2.87
CA GLU A 34 38.71 10.98 3.98
C GLU A 34 38.22 10.45 5.34
N LEU A 35 37.03 9.86 5.36
CA LEU A 35 36.44 9.35 6.60
C LEU A 35 37.35 8.27 7.21
N TYR A 36 37.60 7.22 6.43
CA TYR A 36 38.43 6.08 6.85
C TYR A 36 39.88 6.47 7.14
N ALA A 37 40.44 7.37 6.32
CA ALA A 37 41.80 7.87 6.53
C ALA A 37 41.87 8.68 7.82
N GLY A 38 40.89 9.57 8.02
CA GLY A 38 40.83 10.47 9.18
C GLY A 38 40.91 11.95 8.81
N THR A 39 40.98 12.22 7.52
CA THR A 39 41.12 13.59 7.02
C THR A 39 39.78 14.33 6.86
N LEU A 40 38.66 13.61 6.93
CA LEU A 40 37.33 14.22 6.77
C LEU A 40 37.08 15.26 7.87
N PRO A 41 36.86 16.53 7.50
CA PRO A 41 36.47 17.55 8.47
C PRO A 41 35.23 17.15 9.31
N MET A 42 35.29 17.40 10.60
CA MET A 42 34.22 17.03 11.52
C MET A 42 32.87 17.62 11.12
N GLU A 43 32.87 18.81 10.53
CA GLU A 43 31.61 19.44 10.12
C GLU A 43 30.92 18.68 8.98
N LYS A 44 31.73 18.11 8.08
CA LYS A 44 31.20 17.21 7.04
C LYS A 44 30.59 15.95 7.70
N PHE A 45 31.31 15.40 8.69
CA PHE A 45 30.84 14.19 9.37
C PHE A 45 29.59 14.42 10.20
N LYS A 46 29.49 15.57 10.87
CA LYS A 46 28.26 15.91 11.62
C LYS A 46 27.07 16.06 10.65
N TYR A 47 27.23 16.88 9.62
CA TYR A 47 26.18 17.05 8.60
C TYR A 47 25.68 15.70 8.10
N TYR A 48 26.63 14.82 7.78
CA TYR A 48 26.32 13.46 7.31
C TYR A 48 25.56 12.66 8.37
N LEU A 49 25.97 12.79 9.62
CA LEU A 49 25.27 12.10 10.72
C LEU A 49 23.84 12.62 10.85
N LEU A 50 23.63 13.93 10.73
CA LEU A 50 22.28 14.48 10.79
C LEU A 50 21.39 13.89 9.70
N GLN A 51 21.90 13.85 8.47
CA GLN A 51 21.18 13.28 7.32
C GLN A 51 20.87 11.78 7.49
N ASP A 52 21.69 11.07 8.25
CA ASP A 52 21.53 9.61 8.46
C ASP A 52 20.31 9.20 9.28
N TYR A 53 19.82 10.09 10.14
CA TYR A 53 18.62 9.83 10.91
C TYR A 53 17.48 9.48 9.95
N ASN A 54 17.21 10.43 9.04
CA ASN A 54 16.16 10.26 8.02
C ASN A 54 16.40 9.03 7.16
N TYR A 55 17.64 8.87 6.70
CA TYR A 55 18.02 7.68 5.93
C TYR A 55 17.58 6.44 6.70
N LEU A 56 17.91 6.41 7.99
CA LEU A 56 17.68 5.25 8.84
C LEU A 56 16.22 4.96 9.12
N VAL A 57 15.45 5.99 9.46
CA VAL A 57 14.02 5.80 9.77
C VAL A 57 13.28 5.23 8.56
N ASN A 58 13.35 5.95 7.45
CA ASN A 58 12.73 5.53 6.19
C ASN A 58 13.22 4.19 5.68
N PHE A 59 14.47 3.85 5.98
CA PHE A 59 14.98 2.55 5.56
C PHE A 59 14.32 1.45 6.39
N ALA A 60 13.95 1.79 7.63
CA ALA A 60 13.23 0.87 8.50
C ALA A 60 11.86 0.64 7.89
N LYS A 61 11.18 1.73 7.55
CA LYS A 61 9.88 1.68 6.89
C LYS A 61 9.93 0.80 5.63
N ALA A 62 10.92 1.05 4.79
CA ALA A 62 11.11 0.29 3.55
C ALA A 62 11.12 -1.19 3.85
N LEU A 63 11.89 -1.58 4.86
CA LEU A 63 12.03 -2.99 5.24
C LEU A 63 10.72 -3.57 5.80
N SER A 64 9.94 -2.73 6.48
CA SER A 64 8.62 -3.13 6.97
C SER A 64 7.69 -3.43 5.78
N LEU A 65 7.61 -2.47 4.85
CA LEU A 65 6.83 -2.66 3.62
C LEU A 65 7.25 -3.95 2.93
N ALA A 66 8.56 -4.13 2.77
CA ALA A 66 9.12 -5.34 2.17
C ALA A 66 8.63 -6.57 2.93
N ALA A 67 8.77 -6.55 4.25
CA ALA A 67 8.36 -7.68 5.10
C ALA A 67 6.87 -7.96 5.01
N SER A 68 6.06 -6.91 4.85
CA SER A 68 4.60 -7.06 4.79
C SER A 68 4.10 -7.90 3.62
N ARG A 69 4.96 -8.17 2.65
CA ARG A 69 4.54 -8.89 1.47
C ARG A 69 5.58 -9.87 0.92
N ALA A 70 6.21 -10.60 1.82
CA ALA A 70 7.20 -11.60 1.47
C ALA A 70 6.48 -12.88 1.06
N PRO A 71 6.92 -13.54 -0.04
CA PRO A 71 6.27 -14.78 -0.48
C PRO A 71 6.15 -15.84 0.62
N SER A 72 7.21 -16.03 1.41
CA SER A 72 7.20 -17.00 2.50
C SER A 72 7.22 -16.33 3.86
N VAL A 73 7.05 -17.14 4.91
CA VAL A 73 7.10 -16.71 6.30
C VAL A 73 8.54 -16.34 6.64
N ASP A 74 9.46 -17.26 6.33
CA ASP A 74 10.91 -17.05 6.57
C ASP A 74 11.39 -15.70 6.04
N LEU A 75 11.11 -15.44 4.77
CA LEU A 75 11.55 -14.20 4.13
C LEU A 75 10.96 -13.00 4.84
N MET A 76 9.78 -13.17 5.44
CA MET A 76 9.18 -12.11 6.26
C MET A 76 10.00 -11.91 7.53
N LYS A 77 10.22 -12.99 8.28
CA LYS A 77 11.04 -12.93 9.48
C LYS A 77 12.34 -12.20 9.16
N THR A 78 12.97 -12.58 8.04
CA THR A 78 14.21 -11.96 7.54
C THR A 78 14.12 -10.44 7.51
N ALA A 79 13.13 -9.92 6.81
CA ALA A 79 12.94 -8.49 6.66
C ALA A 79 12.46 -7.83 7.96
N LEU A 80 11.65 -8.54 8.74
CA LEU A 80 11.09 -8.00 10.00
C LEU A 80 12.13 -7.86 11.11
N GLU A 81 13.04 -8.84 11.23
CA GLU A 81 14.12 -8.77 12.25
C GLU A 81 15.10 -7.66 11.88
N LEU A 82 15.30 -7.48 10.58
CA LEU A 82 16.20 -6.48 10.04
C LEU A 82 15.57 -5.11 10.16
N ALA A 83 14.25 -5.06 10.01
CA ALA A 83 13.49 -3.82 10.20
C ALA A 83 13.51 -3.45 11.67
N TYR A 84 13.41 -4.46 12.53
CA TYR A 84 13.49 -4.28 13.97
C TYR A 84 14.91 -3.85 14.38
N GLY A 85 15.91 -4.46 13.74
CA GLY A 85 17.32 -4.13 14.00
C GLY A 85 17.65 -2.66 13.81
N THR A 86 16.95 -2.02 12.88
CA THR A 86 17.22 -0.64 12.49
C THR A 86 16.75 0.45 13.48
N VAL A 87 15.61 0.27 14.14
CA VAL A 87 15.13 1.29 15.10
C VAL A 87 15.46 0.95 16.55
N THR A 88 16.25 -0.10 16.77
CA THR A 88 16.72 -0.41 18.11
C THR A 88 18.23 -0.69 18.05
N GLY A 89 18.61 -1.72 17.30
CA GLY A 89 20.02 -2.12 17.18
C GLY A 89 20.94 -1.04 16.63
N GLU A 90 20.82 -0.81 15.32
CA GLU A 90 21.57 0.23 14.62
C GLU A 90 21.29 1.62 15.20
N MET A 91 20.07 1.82 15.70
CA MET A 91 19.66 3.12 16.26
C MET A 91 20.51 3.51 17.46
N ALA A 92 20.58 2.64 18.46
CA ALA A 92 21.38 2.89 19.65
C ALA A 92 22.83 3.26 19.28
N ASN A 93 23.36 2.60 18.26
CA ASN A 93 24.70 2.91 17.77
C ASN A 93 24.76 4.31 17.17
N TYR A 94 23.70 4.70 16.47
CA TYR A 94 23.60 6.04 15.91
C TYR A 94 23.51 7.11 17.00
N GLU A 95 22.87 6.78 18.12
CA GLU A 95 22.75 7.72 19.24
C GLU A 95 24.09 7.94 19.96
N ALA A 96 24.80 6.84 20.23
CA ALA A 96 26.13 6.92 20.87
C ALA A 96 27.11 7.74 20.01
N LEU A 97 26.96 7.68 18.68
CA LEU A 97 27.79 8.46 17.75
C LEU A 97 27.40 9.96 17.71
N LEU A 98 26.12 10.25 17.88
CA LEU A 98 25.66 11.63 18.02
C LEU A 98 26.25 12.23 19.29
N LYS A 99 26.11 11.50 20.41
CA LYS A 99 26.61 11.99 21.72
C LYS A 99 28.12 12.28 21.69
N GLU A 100 28.90 11.35 21.12
CA GLU A 100 30.36 11.53 21.03
C GLU A 100 30.74 12.84 20.35
N VAL A 101 29.99 13.14 19.29
CA VAL A 101 30.21 14.32 18.48
C VAL A 101 29.61 15.60 19.07
N GLY A 102 28.69 15.44 20.02
CA GLY A 102 28.08 16.58 20.72
C GLY A 102 26.66 16.91 20.28
N LEU A 103 26.11 16.03 19.45
CA LEU A 103 24.75 16.18 18.94
C LEU A 103 23.78 15.27 19.68
N SER A 104 22.48 15.45 19.40
CA SER A 104 21.43 14.63 20.02
C SER A 104 20.45 14.06 18.99
N LEU A 105 19.51 13.24 19.45
CA LEU A 105 18.44 12.74 18.58
C LEU A 105 17.49 13.87 18.19
N ARG A 106 17.37 14.86 19.07
CA ARG A 106 16.49 15.98 18.81
C ARG A 106 17.03 16.71 17.59
N ASP A 107 18.30 17.12 17.69
CA ASP A 107 19.02 17.79 16.60
C ASP A 107 18.81 17.03 15.29
N ALA A 108 19.04 15.71 15.33
CA ALA A 108 18.90 14.85 14.17
C ALA A 108 17.45 14.85 13.66
N ALA A 109 16.50 14.76 14.59
CA ALA A 109 15.06 14.78 14.25
C ALA A 109 14.65 16.10 13.59
N GLU A 110 15.26 17.18 14.06
CA GLU A 110 15.01 18.53 13.53
C GLU A 110 15.89 18.82 12.30
N ALA A 111 16.89 17.96 12.07
CA ALA A 111 17.76 18.09 10.92
C ALA A 111 16.94 17.91 9.63
N GLU A 112 17.09 18.87 8.73
CA GLU A 112 16.37 18.89 7.45
C GLU A 112 17.06 18.00 6.40
N PRO A 113 16.34 16.96 5.92
CA PRO A 113 16.89 16.08 4.86
C PRO A 113 17.15 16.82 3.54
N ASN A 114 18.32 16.59 2.95
CA ASN A 114 18.71 17.20 1.68
C ASN A 114 17.97 16.55 0.51
N ARG A 115 18.26 17.01 -0.70
CA ARG A 115 17.57 16.52 -1.89
C ARG A 115 17.77 15.03 -2.15
N VAL A 116 19.02 14.61 -2.26
CA VAL A 116 19.31 13.18 -2.51
C VAL A 116 18.63 12.30 -1.44
N ASN A 117 18.69 12.75 -0.18
CA ASN A 117 18.06 12.05 0.95
C ASN A 117 16.54 11.83 0.72
N VAL A 118 15.81 12.91 0.47
CA VAL A 118 14.36 12.87 0.25
C VAL A 118 14.02 11.95 -0.94
N SER A 119 14.74 12.16 -2.04
CA SER A 119 14.52 11.41 -3.26
C SER A 119 14.83 9.92 -3.11
N TYR A 120 15.96 9.60 -2.50
CA TYR A 120 16.40 8.20 -2.31
C TYR A 120 15.44 7.44 -1.39
N MET A 121 15.04 8.08 -0.30
CA MET A 121 14.10 7.48 0.62
C MET A 121 12.77 7.29 -0.09
N ALA A 122 12.30 8.36 -0.72
CA ALA A 122 11.07 8.28 -1.52
C ALA A 122 11.15 7.10 -2.50
N TYR A 123 12.27 6.94 -3.19
CA TYR A 123 12.43 5.84 -4.15
C TYR A 123 12.28 4.48 -3.48
N LEU A 124 12.93 4.29 -2.33
CA LEU A 124 12.87 3.00 -1.63
C LEU A 124 11.45 2.67 -1.17
N LYS A 125 10.85 3.59 -0.42
CA LYS A 125 9.51 3.39 0.10
C LYS A 125 8.55 3.07 -1.05
N SER A 126 8.51 3.97 -2.02
CA SER A 126 7.71 3.83 -3.23
C SER A 126 7.87 2.43 -3.82
N THR A 127 9.12 2.03 -4.03
CA THR A 127 9.43 0.71 -4.58
C THR A 127 8.92 -0.44 -3.71
N CYS A 128 9.13 -0.34 -2.40
CA CYS A 128 8.73 -1.41 -1.47
C CYS A 128 7.23 -1.47 -1.19
N ALA A 129 6.52 -0.42 -1.56
CA ALA A 129 5.07 -0.38 -1.38
C ALA A 129 4.30 -0.87 -2.61
N LEU A 130 4.94 -0.84 -3.79
CA LEU A 130 4.27 -1.13 -5.08
C LEU A 130 4.80 -2.32 -5.90
N GLU A 131 6.08 -2.62 -5.75
CA GLU A 131 6.72 -3.68 -6.55
C GLU A 131 6.75 -5.04 -5.86
N GLY A 132 7.29 -6.01 -6.57
CA GLY A 132 7.48 -7.36 -6.02
C GLY A 132 8.54 -7.35 -4.92
N PHE A 133 8.41 -8.31 -4.01
CA PHE A 133 9.33 -8.45 -2.86
C PHE A 133 10.81 -8.50 -3.28
N TYR A 134 11.19 -9.52 -4.06
CA TYR A 134 12.58 -9.67 -4.50
C TYR A 134 13.09 -8.42 -5.24
N GLN A 135 12.16 -7.72 -5.87
CA GLN A 135 12.47 -6.50 -6.61
C GLN A 135 12.80 -5.39 -5.59
N CYS A 136 12.02 -5.32 -4.51
N CYS A 136 12.02 -5.34 -4.51
CA CYS A 136 12.28 -4.34 -3.43
CA CYS A 136 12.28 -4.42 -3.40
C CYS A 136 13.57 -4.72 -2.66
C CYS A 136 13.62 -4.72 -2.76
N MET A 137 13.90 -6.01 -2.61
CA MET A 137 15.16 -6.47 -2.01
C MET A 137 16.39 -6.04 -2.83
N ALA A 138 16.26 -6.15 -4.15
CA ALA A 138 17.33 -5.73 -5.05
C ALA A 138 17.54 -4.21 -4.99
N ALA A 139 16.52 -3.48 -4.58
CA ALA A 139 16.65 -2.04 -4.41
C ALA A 139 17.34 -1.72 -3.08
N LEU A 140 17.16 -2.61 -2.10
CA LEU A 140 17.73 -2.43 -0.75
C LEU A 140 19.15 -3.00 -0.63
N LEU A 141 19.59 -3.76 -1.63
CA LEU A 141 20.89 -4.44 -1.55
C LEU A 141 22.10 -3.49 -1.56
N PRO A 142 22.13 -2.51 -2.48
CA PRO A 142 23.28 -1.60 -2.57
C PRO A 142 23.63 -0.91 -1.24
N CYS A 143 22.62 -0.58 -0.44
CA CYS A 143 22.86 0.05 0.88
C CYS A 143 23.75 -0.81 1.75
N PHE A 144 23.29 -2.03 2.05
CA PHE A 144 24.03 -2.95 2.94
C PHE A 144 25.36 -3.41 2.37
N TRP A 145 25.35 -3.79 1.09
CA TRP A 145 26.53 -4.33 0.44
C TRP A 145 27.61 -3.27 0.22
N SER A 146 27.25 -2.14 -0.37
CA SER A 146 28.24 -1.08 -0.68
C SER A 146 29.03 -0.65 0.55
N TYR A 147 28.33 -0.39 1.65
CA TYR A 147 28.99 -0.01 2.91
C TYR A 147 29.97 -1.12 3.36
N ALA A 148 29.63 -2.36 3.08
CA ALA A 148 30.48 -3.50 3.39
C ALA A 148 31.78 -3.43 2.60
N GLU A 149 31.65 -3.33 1.27
CA GLU A 149 32.81 -3.30 0.38
C GLU A 149 33.66 -2.02 0.57
N ILE A 150 33.02 -0.94 0.99
CA ILE A 150 33.74 0.30 1.34
C ILE A 150 34.70 -0.01 2.51
N ALA A 151 34.14 -0.61 3.55
CA ALA A 151 34.93 -1.04 4.71
C ALA A 151 36.03 -2.05 4.34
N GLU A 152 35.78 -2.84 3.29
CA GLU A 152 36.74 -3.85 2.82
C GLU A 152 37.94 -3.22 2.10
N ARG A 153 37.71 -2.07 1.47
CA ARG A 153 38.73 -1.39 0.67
C ARG A 153 39.52 -0.34 1.44
N HIS A 154 38.82 0.41 2.29
CA HIS A 154 39.44 1.45 3.12
C HIS A 154 39.59 1.02 4.59
N GLY A 155 39.31 -0.24 4.89
CA GLY A 155 39.44 -0.77 6.25
C GLY A 155 40.85 -0.66 6.82
N GLY A 156 41.84 -0.87 5.95
CA GLY A 156 43.25 -0.77 6.32
C GLY A 156 43.71 0.60 6.82
N LYS A 157 43.15 1.67 6.24
CA LYS A 157 43.52 3.05 6.65
C LYS A 157 43.12 3.42 8.08
N LEU A 158 42.20 2.65 8.67
CA LEU A 158 41.71 2.91 10.05
C LEU A 158 42.83 2.91 11.10
N ARG A 159 43.83 2.05 10.93
CA ARG A 159 44.96 1.97 11.87
C ARG A 159 45.56 3.36 12.14
N GLU A 160 45.81 4.10 11.05
CA GLU A 160 46.40 5.45 11.13
C GLU A 160 45.39 6.54 11.47
N ASN A 161 44.11 6.21 11.43
CA ASN A 161 43.05 7.19 11.69
C ASN A 161 43.06 7.63 13.15
N PRO A 162 43.31 8.93 13.41
CA PRO A 162 43.32 9.42 14.79
C PRO A 162 41.99 9.93 15.35
N VAL A 163 40.91 9.86 14.59
CA VAL A 163 39.62 10.31 15.11
C VAL A 163 38.81 9.08 15.58
N HIS A 164 38.64 9.00 16.91
CA HIS A 164 37.94 7.88 17.56
C HIS A 164 36.54 7.65 16.98
N VAL A 165 35.75 8.73 16.90
CA VAL A 165 34.39 8.67 16.35
C VAL A 165 34.33 7.96 14.99
N TYR A 166 35.27 8.32 14.11
CA TYR A 166 35.34 7.78 12.75
C TYR A 166 35.65 6.27 12.76
N LYS A 167 36.53 5.86 13.65
CA LYS A 167 36.91 4.45 13.79
C LYS A 167 35.75 3.62 14.36
N LYS A 168 35.01 4.22 15.29
CA LYS A 168 33.83 3.56 15.88
C LYS A 168 32.70 3.41 14.85
N TRP A 169 32.58 4.40 13.96
CA TRP A 169 31.60 4.37 12.89
C TRP A 169 31.86 3.20 11.94
N ALA A 170 33.08 3.11 11.44
CA ALA A 170 33.47 2.08 10.46
C ALA A 170 33.40 0.66 11.01
N SER A 171 33.72 0.51 12.30
CA SER A 171 33.82 -0.80 12.97
C SER A 171 32.66 -1.74 12.66
N VAL A 172 31.44 -1.20 12.69
CA VAL A 172 30.23 -1.95 12.35
C VAL A 172 30.39 -2.70 11.03
N TYR A 173 30.84 -1.98 10.01
CA TYR A 173 30.89 -2.51 8.63
C TYR A 173 32.00 -3.55 8.44
N LEU A 174 33.00 -3.51 9.32
CA LEU A 174 34.08 -4.51 9.33
C LEU A 174 33.67 -5.79 10.07
N SER A 175 32.64 -5.67 10.92
CA SER A 175 32.20 -6.79 11.79
C SER A 175 31.57 -7.96 11.03
N PRO A 176 31.91 -9.21 11.41
CA PRO A 176 31.36 -10.40 10.74
C PRO A 176 29.86 -10.61 10.95
N GLU A 177 29.26 -9.79 11.82
CA GLU A 177 27.81 -9.81 12.05
C GLU A 177 27.11 -8.99 10.96
N TYR A 178 27.75 -7.89 10.55
CA TYR A 178 27.26 -7.05 9.45
C TYR A 178 27.54 -7.70 8.09
N ARG A 179 28.73 -8.29 7.95
CA ARG A 179 29.11 -9.00 6.71
C ARG A 179 28.17 -10.18 6.56
N GLY A 180 28.02 -10.94 7.64
CA GLY A 180 27.08 -12.06 7.71
C GLY A 180 25.67 -11.66 7.27
N LEU A 181 25.27 -10.43 7.62
CA LEU A 181 23.99 -9.87 7.18
C LEU A 181 23.95 -9.80 5.65
N VAL A 182 24.97 -9.15 5.07
CA VAL A 182 25.07 -9.01 3.62
C VAL A 182 25.09 -10.38 2.92
N GLU A 183 25.74 -11.36 3.52
CA GLU A 183 25.80 -12.71 2.92
C GLU A 183 24.40 -13.31 2.76
N ARG A 184 23.51 -13.02 3.72
CA ARG A 184 22.14 -13.55 3.70
C ARG A 184 21.27 -12.85 2.64
N LEU A 185 21.32 -11.52 2.60
CA LEU A 185 20.57 -10.75 1.59
C LEU A 185 20.93 -11.18 0.17
N ARG A 186 22.22 -11.37 -0.10
CA ARG A 186 22.66 -11.85 -1.40
C ARG A 186 22.11 -13.25 -1.67
N ALA A 187 22.18 -14.11 -0.66
CA ALA A 187 21.67 -15.47 -0.75
C ALA A 187 20.18 -15.49 -1.09
N VAL A 188 19.43 -14.49 -0.61
CA VAL A 188 17.98 -14.38 -0.85
C VAL A 188 17.67 -14.14 -2.34
N LEU A 189 18.26 -13.09 -2.90
CA LEU A 189 18.04 -12.73 -4.31
C LEU A 189 18.45 -13.85 -5.27
N ASP A 190 19.54 -14.54 -4.95
CA ASP A 190 20.02 -15.68 -5.75
C ASP A 190 19.05 -16.86 -5.68
N SER A 191 18.50 -17.10 -4.48
CA SER A 191 17.59 -18.23 -4.25
C SER A 191 16.15 -18.03 -4.73
N SER A 192 15.82 -16.81 -5.17
CA SER A 192 14.45 -16.47 -5.58
C SER A 192 14.01 -17.17 -6.87
N GLY A 193 14.82 -17.05 -7.92
CA GLY A 193 14.51 -17.64 -9.22
C GLY A 193 14.09 -16.60 -10.25
N LEU A 194 14.68 -15.41 -10.17
CA LEU A 194 14.41 -14.31 -11.08
C LEU A 194 15.68 -13.92 -11.85
N SER A 195 15.50 -13.55 -13.12
CA SER A 195 16.61 -13.16 -13.99
C SER A 195 17.24 -11.84 -13.52
N ALA A 196 18.55 -11.73 -13.67
CA ALA A 196 19.28 -10.55 -13.21
C ALA A 196 18.93 -9.28 -14.01
N GLU A 197 18.59 -9.43 -15.30
CA GLU A 197 18.23 -8.28 -16.13
C GLU A 197 16.90 -7.64 -15.72
N GLU A 198 16.00 -8.46 -15.16
CA GLU A 198 14.70 -7.98 -14.70
C GLU A 198 14.75 -7.61 -13.22
N LEU A 199 15.97 -7.37 -12.73
CA LEU A 199 16.21 -6.98 -11.33
C LEU A 199 17.12 -5.75 -11.20
N TRP A 200 17.99 -5.53 -12.21
CA TRP A 200 18.95 -4.41 -12.27
C TRP A 200 18.37 -3.00 -12.07
N PRO A 201 17.28 -2.65 -12.81
CA PRO A 201 16.71 -1.29 -12.69
C PRO A 201 16.60 -0.76 -11.25
N TYR A 202 16.27 -1.64 -10.30
CA TYR A 202 16.12 -1.27 -8.90
C TYR A 202 17.45 -1.29 -8.17
N PHE A 203 18.34 -2.18 -8.58
CA PHE A 203 19.69 -2.24 -8.03
C PHE A 203 20.46 -1.00 -8.48
N LYS A 204 20.40 -0.71 -9.78
CA LYS A 204 21.06 0.45 -10.39
C LYS A 204 20.68 1.78 -9.74
N GLU A 205 19.39 2.05 -9.70
CA GLU A 205 18.88 3.32 -9.18
C GLU A 205 19.34 3.57 -7.73
N ALA A 206 19.31 2.52 -6.92
CA ALA A 206 19.79 2.62 -5.55
C ALA A 206 21.30 2.90 -5.53
N SER A 207 22.03 2.20 -6.39
CA SER A 207 23.48 2.39 -6.50
C SER A 207 23.80 3.85 -6.82
N LEU A 208 23.19 4.37 -7.89
CA LEU A 208 23.40 5.77 -8.29
C LEU A 208 23.01 6.74 -7.18
N TYR A 209 21.97 6.39 -6.41
CA TYR A 209 21.52 7.24 -5.31
C TYR A 209 22.54 7.28 -4.16
N GLU A 210 23.09 6.10 -3.83
CA GLU A 210 24.15 6.01 -2.84
C GLU A 210 25.27 6.95 -3.27
N LEU A 211 25.69 6.80 -4.53
CA LEU A 211 26.74 7.65 -5.09
C LEU A 211 26.39 9.12 -5.03
N GLU A 212 25.10 9.43 -5.15
CA GLU A 212 24.63 10.80 -5.02
C GLU A 212 24.50 11.20 -3.56
N PHE A 213 24.31 10.23 -2.68
CA PHE A 213 24.18 10.52 -1.26
C PHE A 213 25.51 11.02 -0.69
N TRP A 214 26.56 10.22 -0.86
CA TRP A 214 27.90 10.57 -0.39
C TRP A 214 28.29 11.97 -0.84
N GLN A 215 28.14 12.23 -2.14
CA GLN A 215 28.50 13.54 -2.72
C GLN A 215 27.81 14.72 -2.02
N ALA A 216 26.55 14.55 -1.63
CA ALA A 216 25.80 15.61 -0.97
C ALA A 216 26.33 15.91 0.45
N ALA A 217 26.84 14.89 1.14
CA ALA A 217 27.43 15.06 2.48
C ALA A 217 28.82 15.68 2.38
N TYR A 218 29.50 15.45 1.25
CA TYR A 218 30.83 16.02 0.99
C TYR A 218 30.75 17.52 0.66
N GLU A 219 29.78 17.87 -0.19
CA GLU A 219 29.50 19.27 -0.52
C GLU A 219 28.84 19.99 0.67
N GLY A 220 28.05 19.24 1.45
CA GLY A 220 27.30 19.81 2.57
C GLY A 220 26.01 20.44 2.08
N HIS A 221 25.48 19.92 0.97
CA HIS A 221 24.25 20.41 0.35
C HIS A 221 23.68 19.40 -0.65
N GLY B 10 -9.20 7.42 30.07
CA GLY B 10 -8.97 5.97 29.79
C GLY B 10 -9.74 5.48 28.58
N VAL B 11 -9.34 5.92 27.40
CA VAL B 11 -10.04 5.53 26.15
C VAL B 11 -10.10 4.01 25.94
N THR B 12 -8.96 3.35 26.09
CA THR B 12 -8.87 1.89 25.94
C THR B 12 -9.89 1.21 26.87
N GLY B 13 -10.02 1.75 28.07
CA GLY B 13 -11.00 1.25 29.04
C GLY B 13 -12.43 1.35 28.53
N GLU B 14 -12.76 2.47 27.89
CA GLU B 14 -14.11 2.67 27.32
C GLU B 14 -14.35 1.65 26.23
N LEU B 15 -13.41 1.54 25.30
CA LEU B 15 -13.51 0.59 24.18
C LEU B 15 -13.88 -0.76 24.77
N ARG B 16 -13.19 -1.13 25.86
CA ARG B 16 -13.45 -2.41 26.55
C ARG B 16 -14.87 -2.48 27.13
N ARG B 17 -15.33 -1.39 27.75
CA ARG B 17 -16.70 -1.36 28.33
C ARG B 17 -17.80 -1.59 27.30
N ARG B 18 -17.80 -0.78 26.23
CA ARG B 18 -18.79 -0.92 25.15
C ARG B 18 -18.70 -2.33 24.57
N ALA B 19 -17.49 -2.84 24.43
CA ALA B 19 -17.25 -4.18 23.85
C ALA B 19 -17.69 -5.33 24.74
N ASP B 20 -17.83 -5.07 26.04
CA ASP B 20 -18.15 -6.10 27.05
C ASP B 20 -19.16 -7.15 26.57
N GLY B 21 -20.25 -6.68 25.96
CA GLY B 21 -21.27 -7.59 25.43
C GLY B 21 -20.65 -8.70 24.58
N ILE B 22 -19.77 -8.31 23.66
CA ILE B 22 -19.06 -9.26 22.80
C ILE B 22 -18.06 -10.06 23.61
N TRP B 23 -17.15 -9.34 24.25
CA TRP B 23 -16.06 -9.95 25.03
C TRP B 23 -16.58 -10.93 26.05
N GLN B 24 -17.69 -10.59 26.70
CA GLN B 24 -18.24 -11.48 27.70
C GLN B 24 -18.63 -12.81 27.05
N ARG B 25 -19.06 -12.75 25.79
CA ARG B 25 -19.44 -13.94 25.01
C ARG B 25 -18.17 -14.69 24.56
N ILE B 26 -17.06 -13.97 24.38
CA ILE B 26 -15.76 -14.59 24.10
C ILE B 26 -15.25 -15.33 25.32
N LEU B 27 -15.18 -14.60 26.43
CA LEU B 27 -14.61 -15.14 27.69
C LEU B 27 -15.34 -16.39 28.19
N ALA B 28 -16.61 -16.50 27.84
CA ALA B 28 -17.46 -17.63 28.22
C ALA B 28 -17.70 -18.60 27.07
N HIS B 29 -16.79 -18.62 26.10
CA HIS B 29 -16.96 -19.46 24.90
C HIS B 29 -16.53 -20.90 25.17
N PRO B 30 -17.29 -21.88 24.68
CA PRO B 30 -17.00 -23.30 24.84
C PRO B 30 -15.55 -23.70 24.52
N PHE B 31 -15.04 -23.29 23.37
CA PHE B 31 -13.67 -23.62 22.95
C PHE B 31 -12.65 -23.23 24.02
N VAL B 32 -12.71 -21.96 24.43
CA VAL B 32 -11.80 -21.42 25.42
C VAL B 32 -11.92 -22.14 26.76
N ALA B 33 -13.15 -22.28 27.25
CA ALA B 33 -13.40 -22.94 28.53
C ALA B 33 -12.84 -24.38 28.54
N GLU B 34 -13.16 -25.13 27.51
CA GLU B 34 -12.69 -26.52 27.39
C GLU B 34 -11.17 -26.60 27.29
N LEU B 35 -10.55 -25.62 26.63
CA LEU B 35 -9.10 -25.62 26.41
C LEU B 35 -8.39 -25.54 27.76
N TYR B 36 -8.70 -24.49 28.53
CA TYR B 36 -8.09 -24.26 29.85
C TYR B 36 -8.41 -25.37 30.85
N ALA B 37 -9.66 -25.85 30.82
CA ALA B 37 -10.08 -26.95 31.70
C ALA B 37 -9.34 -28.24 31.37
N GLY B 38 -9.25 -28.55 30.08
CA GLY B 38 -8.60 -29.77 29.59
C GLY B 38 -9.56 -30.71 28.85
N THR B 39 -10.81 -30.28 28.74
CA THR B 39 -11.89 -31.05 28.09
C THR B 39 -11.90 -30.94 26.56
N LEU B 40 -11.21 -29.93 26.01
CA LEU B 40 -11.23 -29.74 24.55
C LEU B 40 -10.66 -30.96 23.83
N PRO B 41 -11.44 -31.54 22.90
CA PRO B 41 -10.95 -32.62 22.04
C PRO B 41 -9.69 -32.20 21.28
N MET B 42 -8.70 -33.08 21.22
CA MET B 42 -7.44 -32.79 20.54
C MET B 42 -7.61 -32.43 19.06
N GLU B 43 -8.64 -32.97 18.42
CA GLU B 43 -8.92 -32.65 16.99
C GLU B 43 -9.35 -31.20 16.80
N LYS B 44 -10.10 -30.67 17.75
CA LYS B 44 -10.47 -29.26 17.73
C LYS B 44 -9.21 -28.41 17.92
N PHE B 45 -8.35 -28.81 18.84
CA PHE B 45 -7.12 -28.06 19.14
C PHE B 45 -6.14 -28.09 17.95
N LYS B 46 -6.01 -29.23 17.29
CA LYS B 46 -5.14 -29.33 16.09
C LYS B 46 -5.67 -28.41 14.98
N TYR B 47 -6.96 -28.56 14.67
CA TYR B 47 -7.61 -27.71 13.68
C TYR B 47 -7.32 -26.25 13.99
N TYR B 48 -7.54 -25.86 15.24
CA TYR B 48 -7.32 -24.48 15.68
C TYR B 48 -5.87 -24.07 15.48
N LEU B 49 -4.93 -24.96 15.82
CA LEU B 49 -3.49 -24.69 15.61
C LEU B 49 -3.17 -24.48 14.11
N LEU B 50 -3.79 -25.28 13.24
CA LEU B 50 -3.56 -25.10 11.79
C LEU B 50 -4.01 -23.70 11.34
N GLN B 51 -5.20 -23.30 11.74
CA GLN B 51 -5.74 -21.98 11.39
C GLN B 51 -4.91 -20.81 11.98
N ASP B 52 -4.20 -21.06 13.07
CA ASP B 52 -3.45 -20.00 13.77
C ASP B 52 -2.08 -19.63 13.23
N TYR B 53 -1.23 -20.59 12.92
CA TYR B 53 0.11 -20.22 12.49
C TYR B 53 -0.01 -19.29 11.28
N ASN B 54 -0.99 -19.56 10.40
CA ASN B 54 -1.23 -18.68 9.26
C ASN B 54 -1.98 -17.38 9.67
N TYR B 55 -2.76 -17.43 10.75
CA TYR B 55 -3.34 -16.21 11.30
C TYR B 55 -2.23 -15.31 11.86
N LEU B 56 -1.29 -15.90 12.57
CA LEU B 56 -0.18 -15.12 13.13
C LEU B 56 0.78 -14.57 12.07
N VAL B 57 0.94 -15.25 10.94
CA VAL B 57 1.78 -14.74 9.83
C VAL B 57 1.23 -13.40 9.33
N ASN B 58 -0.04 -13.40 8.91
CA ASN B 58 -0.68 -12.17 8.42
C ASN B 58 -0.79 -11.09 9.51
N PHE B 59 -0.83 -11.51 10.77
CA PHE B 59 -0.85 -10.58 11.91
C PHE B 59 0.51 -9.84 11.95
N ALA B 60 1.56 -10.57 11.64
CA ALA B 60 2.90 -9.99 11.57
C ALA B 60 2.91 -8.94 10.45
N LYS B 61 2.45 -9.35 9.27
CA LYS B 61 2.35 -8.46 8.10
C LYS B 61 1.55 -7.21 8.45
N ALA B 62 0.40 -7.41 9.09
CA ALA B 62 -0.46 -6.29 9.52
C ALA B 62 0.33 -5.28 10.34
N LEU B 63 1.10 -5.78 11.30
CA LEU B 63 1.91 -4.91 12.18
C LEU B 63 3.04 -4.24 11.40
N SER B 64 3.59 -4.92 10.40
CA SER B 64 4.62 -4.31 9.55
C SER B 64 4.02 -3.12 8.80
N LEU B 65 2.89 -3.37 8.12
CA LEU B 65 2.16 -2.30 7.42
C LEU B 65 1.92 -1.12 8.36
N ALA B 66 1.43 -1.42 9.56
CA ALA B 66 1.21 -0.39 10.58
C ALA B 66 2.50 0.37 10.83
N ALA B 67 3.57 -0.37 11.07
CA ALA B 67 4.89 0.18 11.37
C ALA B 67 5.38 1.09 10.26
N SER B 68 5.13 0.67 9.03
CA SER B 68 5.61 1.38 7.85
C SER B 68 5.11 2.83 7.76
N ARG B 69 4.06 3.16 8.50
CA ARG B 69 3.49 4.51 8.39
C ARG B 69 3.00 5.08 9.73
N ALA B 70 3.85 4.95 10.74
CA ALA B 70 3.57 5.51 12.06
C ALA B 70 4.01 6.98 12.06
N PRO B 71 3.19 7.87 12.66
CA PRO B 71 3.53 9.29 12.74
C PRO B 71 4.92 9.58 13.28
N SER B 72 5.31 8.89 14.35
CA SER B 72 6.63 9.07 14.95
C SER B 72 7.52 7.87 14.74
N VAL B 73 8.79 8.03 15.08
CA VAL B 73 9.78 6.96 15.00
C VAL B 73 9.49 5.96 16.12
N ASP B 74 9.29 6.47 17.34
CA ASP B 74 8.97 5.63 18.50
C ASP B 74 7.78 4.68 18.21
N LEU B 75 6.68 5.25 17.71
CA LEU B 75 5.51 4.43 17.40
C LEU B 75 5.85 3.38 16.33
N MET B 76 6.84 3.67 15.48
CA MET B 76 7.29 2.66 14.52
C MET B 76 7.99 1.55 15.30
N LYS B 77 8.85 1.93 16.25
CA LYS B 77 9.57 0.94 17.07
C LYS B 77 8.58 -0.02 17.73
N THR B 78 7.59 0.56 18.40
CA THR B 78 6.54 -0.16 19.12
C THR B 78 5.90 -1.22 18.24
N ALA B 79 5.20 -0.75 17.20
CA ALA B 79 4.50 -1.61 16.24
C ALA B 79 5.40 -2.70 15.66
N LEU B 80 6.68 -2.35 15.47
CA LEU B 80 7.66 -3.27 14.92
C LEU B 80 8.14 -4.25 16.02
N GLU B 81 8.21 -3.80 17.27
CA GLU B 81 8.60 -4.67 18.41
C GLU B 81 7.39 -5.49 18.84
N LEU B 82 6.22 -4.87 18.77
CA LEU B 82 4.94 -5.52 18.98
C LEU B 82 4.74 -6.55 17.85
N ALA B 83 5.42 -6.32 16.72
CA ALA B 83 5.45 -7.25 15.57
C ALA B 83 6.48 -8.36 15.79
N TYR B 84 7.75 -8.00 15.84
CA TYR B 84 8.83 -8.97 16.02
C TYR B 84 8.60 -9.77 17.31
N GLY B 85 8.03 -9.11 18.31
CA GLY B 85 7.68 -9.74 19.60
C GLY B 85 6.66 -10.86 19.46
N THR B 86 5.76 -10.72 18.49
CA THR B 86 4.81 -11.78 18.16
C THR B 86 5.56 -12.94 17.47
N VAL B 87 6.58 -12.59 16.67
CA VAL B 87 7.42 -13.56 15.98
C VAL B 87 8.25 -14.41 16.94
N THR B 88 8.80 -13.77 17.98
CA THR B 88 9.61 -14.50 18.97
C THR B 88 8.73 -15.22 20.00
N GLY B 89 7.90 -14.46 20.71
CA GLY B 89 7.00 -15.00 21.75
C GLY B 89 5.97 -16.04 21.31
N GLU B 90 4.94 -15.59 20.59
CA GLU B 90 3.85 -16.47 20.12
C GLU B 90 4.22 -17.51 19.06
N MET B 91 4.83 -17.06 17.96
CA MET B 91 5.14 -17.93 16.82
C MET B 91 6.05 -19.11 17.20
N ALA B 92 7.05 -18.82 18.03
CA ALA B 92 8.00 -19.85 18.48
C ALA B 92 7.33 -20.89 19.39
N ASN B 93 6.42 -20.42 20.24
CA ASN B 93 5.61 -21.30 21.08
C ASN B 93 4.85 -22.24 20.14
N TYR B 94 4.13 -21.67 19.18
CA TYR B 94 3.30 -22.44 18.22
C TYR B 94 4.05 -23.51 17.41
N GLU B 95 5.26 -23.19 16.96
CA GLU B 95 6.09 -24.14 16.19
C GLU B 95 6.42 -25.35 17.06
N ALA B 96 6.53 -25.13 18.37
CA ALA B 96 6.76 -26.21 19.34
C ALA B 96 5.46 -26.99 19.59
N LEU B 97 4.34 -26.28 19.68
CA LEU B 97 3.02 -26.89 19.90
C LEU B 97 2.68 -27.90 18.79
N LEU B 98 3.05 -27.57 17.56
CA LEU B 98 2.81 -28.44 16.40
C LEU B 98 3.56 -29.77 16.53
N LYS B 99 4.85 -29.69 16.85
CA LYS B 99 5.66 -30.89 17.07
C LYS B 99 5.03 -31.81 18.11
N GLU B 100 4.70 -31.25 19.27
CA GLU B 100 4.13 -32.04 20.37
C GLU B 100 2.86 -32.78 19.95
N VAL B 101 2.08 -32.12 19.11
CA VAL B 101 0.81 -32.65 18.65
C VAL B 101 0.99 -33.64 17.48
N GLY B 102 2.14 -33.58 16.82
CA GLY B 102 2.46 -34.48 15.69
C GLY B 102 2.33 -33.83 14.32
N LEU B 103 2.17 -32.51 14.29
CA LEU B 103 2.06 -31.75 13.04
C LEU B 103 3.34 -30.96 12.79
N SER B 104 3.44 -30.39 11.60
CA SER B 104 4.62 -29.63 11.18
C SER B 104 4.26 -28.25 10.68
N LEU B 105 5.28 -27.45 10.37
CA LEU B 105 5.06 -26.14 9.74
C LEU B 105 4.63 -26.30 8.29
N ARG B 106 5.00 -27.42 7.67
CA ARG B 106 4.57 -27.71 6.30
C ARG B 106 3.06 -27.91 6.28
N ASP B 107 2.59 -28.84 7.14
CA ASP B 107 1.15 -29.10 7.30
C ASP B 107 0.39 -27.79 7.52
N ALA B 108 0.89 -26.97 8.43
CA ALA B 108 0.28 -25.67 8.72
C ALA B 108 0.30 -24.76 7.50
N ALA B 109 1.42 -24.70 6.80
CA ALA B 109 1.53 -23.86 5.59
C ALA B 109 0.54 -24.31 4.50
N GLU B 110 0.36 -25.62 4.39
CA GLU B 110 -0.59 -26.22 3.43
C GLU B 110 -2.02 -26.18 3.96
N ALA B 111 -2.18 -25.93 5.26
CA ALA B 111 -3.50 -25.84 5.89
C ALA B 111 -4.32 -24.71 5.30
N GLU B 112 -5.52 -25.06 4.86
CA GLU B 112 -6.43 -24.13 4.21
C GLU B 112 -7.16 -23.23 5.21
N PRO B 113 -7.00 -21.91 5.09
CA PRO B 113 -7.67 -21.00 6.02
C PRO B 113 -9.18 -20.99 5.84
N ASN B 114 -9.93 -21.07 6.93
CA ASN B 114 -11.39 -21.07 6.85
C ASN B 114 -11.94 -19.66 6.60
N ARG B 115 -13.26 -19.53 6.50
CA ARG B 115 -13.90 -18.25 6.14
C ARG B 115 -13.61 -17.12 7.12
N VAL B 116 -13.85 -17.36 8.39
CA VAL B 116 -13.58 -16.35 9.42
C VAL B 116 -12.12 -15.90 9.38
N ASN B 117 -11.22 -16.87 9.23
CA ASN B 117 -9.78 -16.63 9.16
C ASN B 117 -9.44 -15.67 8.00
N VAL B 118 -9.89 -16.00 6.80
CA VAL B 118 -9.63 -15.19 5.61
C VAL B 118 -10.19 -13.78 5.75
N SER B 119 -11.41 -13.70 6.26
CA SER B 119 -12.10 -12.41 6.46
C SER B 119 -11.41 -11.53 7.49
N TYR B 120 -11.10 -12.13 8.64
CA TYR B 120 -10.47 -11.43 9.77
C TYR B 120 -9.06 -10.95 9.43
N MET B 121 -8.28 -11.83 8.80
CA MET B 121 -6.96 -11.47 8.28
C MET B 121 -7.13 -10.36 7.23
N ALA B 122 -8.00 -10.59 6.25
CA ALA B 122 -8.29 -9.58 5.22
C ALA B 122 -8.65 -8.25 5.88
N TYR B 123 -9.53 -8.28 6.86
CA TYR B 123 -9.93 -7.05 7.55
C TYR B 123 -8.74 -6.32 8.17
N LEU B 124 -7.87 -7.05 8.85
CA LEU B 124 -6.71 -6.42 9.50
C LEU B 124 -5.74 -5.83 8.47
N LYS B 125 -5.33 -6.61 7.48
CA LYS B 125 -4.41 -6.11 6.43
C LYS B 125 -5.01 -4.89 5.70
N SER B 126 -6.23 -5.04 5.21
CA SER B 126 -6.97 -3.95 4.60
C SER B 126 -6.89 -2.69 5.47
N THR B 127 -7.29 -2.85 6.73
CA THR B 127 -7.28 -1.75 7.71
C THR B 127 -5.89 -1.09 7.85
N CYS B 128 -4.87 -1.93 8.04
CA CYS B 128 -3.52 -1.44 8.30
C CYS B 128 -2.80 -0.88 7.06
N ALA B 129 -3.38 -1.11 5.89
CA ALA B 129 -2.82 -0.60 4.63
C ALA B 129 -3.43 0.75 4.25
N LEU B 130 -4.65 1.03 4.69
CA LEU B 130 -5.39 2.21 4.23
C LEU B 130 -5.82 3.21 5.32
N GLU B 131 -5.94 2.78 6.56
CA GLU B 131 -6.38 3.68 7.65
C GLU B 131 -5.21 4.33 8.44
N GLY B 132 -5.59 5.20 9.37
CA GLY B 132 -4.63 5.84 10.26
C GLY B 132 -3.98 4.86 11.20
N PHE B 133 -2.74 5.15 11.58
CA PHE B 133 -1.96 4.27 12.46
C PHE B 133 -2.71 3.82 13.73
N TYR B 134 -3.07 4.80 14.57
CA TYR B 134 -3.78 4.55 15.82
C TYR B 134 -5.06 3.75 15.60
N GLN B 135 -5.67 3.96 14.43
CA GLN B 135 -6.91 3.28 14.04
C GLN B 135 -6.61 1.79 13.71
N CYS B 136 -5.48 1.53 13.05
N CYS B 136 -5.47 1.54 13.07
CA CYS B 136 -5.01 0.14 12.81
CA CYS B 136 -5.00 0.18 12.83
C CYS B 136 -4.61 -0.52 14.13
C CYS B 136 -4.67 -0.50 14.15
N MET B 137 -4.08 0.27 15.07
CA MET B 137 -3.70 -0.23 16.39
C MET B 137 -4.93 -0.65 17.20
N ALA B 138 -6.01 0.13 17.11
CA ALA B 138 -7.26 -0.22 17.80
C ALA B 138 -7.91 -1.45 17.17
N ALA B 139 -7.57 -1.76 15.93
CA ALA B 139 -8.06 -2.98 15.28
C ALA B 139 -7.26 -4.19 15.74
N LEU B 140 -6.00 -3.94 16.09
CA LEU B 140 -5.08 -4.99 16.53
C LEU B 140 -5.14 -5.27 18.04
N LEU B 141 -5.84 -4.41 18.79
CA LEU B 141 -5.85 -4.52 20.26
C LEU B 141 -6.60 -5.74 20.79
N PRO B 142 -7.85 -5.95 20.33
CA PRO B 142 -8.61 -7.12 20.82
C PRO B 142 -7.89 -8.46 20.73
N CYS B 143 -7.04 -8.65 19.72
CA CYS B 143 -6.25 -9.88 19.57
CA CYS B 143 -6.28 -9.89 19.57
C CYS B 143 -5.39 -10.14 20.81
N PHE B 144 -4.49 -9.20 21.09
CA PHE B 144 -3.56 -9.31 22.22
C PHE B 144 -4.29 -9.34 23.55
N TRP B 145 -5.16 -8.36 23.71
CA TRP B 145 -5.81 -8.13 24.99
C TRP B 145 -6.75 -9.27 25.37
N SER B 146 -7.63 -9.66 24.45
CA SER B 146 -8.64 -10.69 24.75
C SER B 146 -8.01 -12.01 25.19
N TYR B 147 -6.95 -12.42 24.50
CA TYR B 147 -6.21 -13.62 24.90
C TYR B 147 -5.63 -13.51 26.30
N ALA B 148 -5.23 -12.29 26.69
CA ALA B 148 -4.71 -12.06 28.04
C ALA B 148 -5.82 -12.27 29.07
N GLU B 149 -6.95 -11.59 28.85
CA GLU B 149 -8.07 -11.65 29.78
C GLU B 149 -8.69 -13.04 29.82
N ILE B 150 -8.62 -13.78 28.72
CA ILE B 150 -9.06 -15.18 28.74
C ILE B 150 -8.20 -15.95 29.74
N ALA B 151 -6.88 -15.82 29.61
CA ALA B 151 -5.93 -16.45 30.54
C ALA B 151 -6.16 -16.04 31.99
N GLU B 152 -6.65 -14.82 32.17
CA GLU B 152 -6.91 -14.24 33.48
C GLU B 152 -8.14 -14.86 34.16
N ARG B 153 -9.08 -15.28 33.34
CA ARG B 153 -10.36 -15.82 33.78
C ARG B 153 -10.31 -17.33 33.98
N HIS B 154 -9.71 -18.02 33.02
CA HIS B 154 -9.64 -19.48 33.04
C HIS B 154 -8.24 -19.98 33.42
N GLY B 155 -7.35 -19.06 33.80
CA GLY B 155 -5.99 -19.42 34.20
C GLY B 155 -5.97 -20.45 35.32
N GLY B 156 -6.90 -20.28 36.27
CA GLY B 156 -7.04 -21.17 37.42
C GLY B 156 -7.36 -22.62 37.10
N LYS B 157 -8.15 -22.87 36.06
CA LYS B 157 -8.50 -24.24 35.69
C LYS B 157 -7.28 -25.07 35.19
N LEU B 158 -6.19 -24.39 34.84
CA LEU B 158 -4.98 -25.06 34.34
C LEU B 158 -4.40 -26.12 35.28
N ARG B 159 -4.47 -25.86 36.58
CA ARG B 159 -3.95 -26.80 37.58
C ARG B 159 -4.46 -28.23 37.39
N GLU B 160 -5.78 -28.33 37.19
CA GLU B 160 -6.43 -29.63 37.01
C GLU B 160 -6.37 -30.14 35.58
N ASN B 161 -5.90 -29.30 34.66
CA ASN B 161 -5.81 -29.68 33.24
C ASN B 161 -4.73 -30.74 33.01
N PRO B 162 -5.14 -31.95 32.57
CA PRO B 162 -4.20 -33.04 32.33
C PRO B 162 -3.50 -33.07 30.96
N VAL B 163 -3.80 -32.13 30.08
CA VAL B 163 -3.20 -32.13 28.74
C VAL B 163 -2.00 -31.18 28.71
N HIS B 164 -0.79 -31.74 28.65
CA HIS B 164 0.44 -30.93 28.65
C HIS B 164 0.44 -29.84 27.57
N VAL B 165 0.16 -30.25 26.33
CA VAL B 165 0.13 -29.30 25.21
C VAL B 165 -0.75 -28.08 25.49
N TYR B 166 -1.91 -28.32 26.09
CA TYR B 166 -2.87 -27.25 26.42
C TYR B 166 -2.29 -26.28 27.46
N LYS B 167 -1.63 -26.84 28.47
CA LYS B 167 -1.02 -26.02 29.52
C LYS B 167 0.11 -25.17 28.94
N LYS B 168 0.89 -25.77 28.03
CA LYS B 168 2.00 -25.07 27.37
C LYS B 168 1.49 -23.94 26.47
N TRP B 169 0.34 -24.16 25.86
CA TRP B 169 -0.29 -23.16 25.00
C TRP B 169 -0.66 -21.93 25.82
N ALA B 170 -1.37 -22.16 26.92
CA ALA B 170 -1.87 -21.07 27.78
C ALA B 170 -0.76 -20.26 28.42
N SER B 171 0.30 -20.95 28.82
CA SER B 171 1.39 -20.35 29.62
C SER B 171 1.83 -18.97 29.12
N VAL B 172 1.99 -18.85 27.81
CA VAL B 172 2.39 -17.59 27.17
C VAL B 172 1.50 -16.41 27.63
N TYR B 173 0.20 -16.64 27.64
CA TYR B 173 -0.78 -15.57 27.94
C TYR B 173 -0.84 -15.23 29.45
N LEU B 174 -0.36 -16.14 30.29
CA LEU B 174 -0.25 -15.89 31.73
C LEU B 174 1.04 -15.13 32.05
N SER B 175 1.99 -15.16 31.13
CA SER B 175 3.34 -14.59 31.33
C SER B 175 3.35 -13.06 31.43
N PRO B 176 4.22 -12.50 32.28
CA PRO B 176 4.27 -11.05 32.47
C PRO B 176 4.90 -10.35 31.29
N GLU B 177 5.53 -11.14 30.40
CA GLU B 177 6.13 -10.62 29.19
C GLU B 177 5.05 -10.36 28.16
N TYR B 178 4.05 -11.24 28.11
CA TYR B 178 2.88 -11.08 27.22
C TYR B 178 1.95 -10.00 27.76
N ARG B 179 1.70 -10.02 29.08
CA ARG B 179 0.86 -8.98 29.71
C ARG B 179 1.46 -7.61 29.38
N GLY B 180 2.78 -7.49 29.57
CA GLY B 180 3.50 -6.25 29.28
C GLY B 180 3.34 -5.83 27.83
N LEU B 181 3.30 -6.81 26.93
CA LEU B 181 3.11 -6.55 25.51
C LEU B 181 1.75 -5.88 25.28
N VAL B 182 0.73 -6.33 26.01
CA VAL B 182 -0.63 -5.78 25.91
C VAL B 182 -0.77 -4.36 26.53
N GLU B 183 0.09 -4.05 27.51
CA GLU B 183 0.12 -2.73 28.16
C GLU B 183 0.55 -1.63 27.18
N ARG B 184 1.63 -1.89 26.43
CA ARG B 184 2.14 -0.93 25.44
C ARG B 184 1.02 -0.48 24.51
N LEU B 185 0.39 -1.42 23.82
CA LEU B 185 -0.74 -1.10 22.96
C LEU B 185 -1.75 -0.19 23.63
N ARG B 186 -2.16 -0.53 24.86
CA ARG B 186 -3.15 0.29 25.55
C ARG B 186 -2.59 1.69 25.77
N ALA B 187 -1.31 1.76 26.13
CA ALA B 187 -0.65 3.06 26.35
C ALA B 187 -0.61 3.88 25.06
N VAL B 188 -0.31 3.21 23.93
CA VAL B 188 -0.28 3.83 22.61
C VAL B 188 -1.65 4.46 22.33
N LEU B 189 -2.69 3.63 22.41
CA LEU B 189 -4.06 4.08 22.20
C LEU B 189 -4.52 5.11 23.25
N ASP B 190 -4.12 4.94 24.51
CA ASP B 190 -4.52 5.88 25.57
C ASP B 190 -3.83 7.25 25.46
N SER B 191 -2.60 7.27 24.97
CA SER B 191 -1.85 8.53 24.86
C SER B 191 -2.04 9.20 23.50
N SER B 192 -2.80 8.57 22.62
CA SER B 192 -2.92 9.01 21.21
C SER B 192 -3.48 10.41 21.01
N GLY B 193 -4.59 10.69 21.70
CA GLY B 193 -5.34 11.93 21.48
C GLY B 193 -6.79 11.66 21.14
N LEU B 194 -7.03 10.61 20.34
CA LEU B 194 -8.38 10.31 19.81
C LEU B 194 -9.37 9.79 20.86
N SER B 195 -10.66 9.90 20.52
CA SER B 195 -11.76 9.49 21.40
C SER B 195 -12.12 8.02 21.19
N ALA B 196 -12.74 7.44 22.21
CA ALA B 196 -13.18 6.05 22.14
C ALA B 196 -14.25 5.88 21.04
N GLU B 197 -15.13 6.86 20.91
CA GLU B 197 -16.21 6.81 19.91
C GLU B 197 -15.65 6.79 18.50
N GLU B 198 -14.55 7.52 18.30
CA GLU B 198 -13.89 7.59 16.99
C GLU B 198 -12.78 6.53 16.87
N LEU B 199 -12.85 5.51 17.72
CA LEU B 199 -11.87 4.41 17.73
C LEU B 199 -12.57 3.05 17.89
N TRP B 200 -13.84 3.08 18.28
CA TRP B 200 -14.63 1.87 18.56
C TRP B 200 -14.98 0.97 17.37
N PRO B 201 -15.45 1.55 16.24
CA PRO B 201 -15.83 0.67 15.13
C PRO B 201 -14.75 -0.34 14.73
N TYR B 202 -13.48 0.04 14.85
CA TYR B 202 -12.37 -0.87 14.56
C TYR B 202 -12.19 -1.88 15.69
N PHE B 203 -12.33 -1.40 16.93
CA PHE B 203 -12.18 -2.26 18.12
C PHE B 203 -13.33 -3.27 18.22
N LYS B 204 -14.51 -2.86 17.80
CA LYS B 204 -15.71 -3.69 17.81
C LYS B 204 -15.58 -4.79 16.74
N GLU B 205 -15.17 -4.39 15.54
CA GLU B 205 -15.02 -5.34 14.41
C GLU B 205 -14.02 -6.45 14.73
N ALA B 206 -12.87 -6.07 15.29
CA ALA B 206 -11.84 -7.04 15.67
C ALA B 206 -12.35 -7.99 16.76
N SER B 207 -13.03 -7.43 17.77
CA SER B 207 -13.62 -8.20 18.85
C SER B 207 -14.67 -9.18 18.33
N LEU B 208 -15.46 -8.72 17.37
CA LEU B 208 -16.49 -9.56 16.74
C LEU B 208 -15.89 -10.70 15.94
N TYR B 209 -14.77 -10.44 15.26
CA TYR B 209 -14.06 -11.50 14.54
C TYR B 209 -13.44 -12.50 15.52
N GLU B 210 -12.96 -11.97 16.65
CA GLU B 210 -12.38 -12.81 17.69
C GLU B 210 -13.40 -13.83 18.20
N LEU B 211 -14.64 -13.40 18.43
CA LEU B 211 -15.71 -14.35 18.83
C LEU B 211 -15.97 -15.35 17.71
N GLU B 212 -16.06 -14.85 16.48
CA GLU B 212 -16.35 -15.70 15.31
C GLU B 212 -15.23 -16.69 15.00
N PHE B 213 -13.98 -16.28 15.21
CA PHE B 213 -12.84 -17.17 14.98
C PHE B 213 -12.86 -18.36 15.96
N TRP B 214 -13.19 -18.09 17.22
CA TRP B 214 -13.30 -19.15 18.24
C TRP B 214 -14.39 -20.16 17.84
N GLN B 215 -15.54 -19.63 17.44
CA GLN B 215 -16.68 -20.45 17.04
C GLN B 215 -16.31 -21.31 15.83
N ALA B 216 -15.69 -20.71 14.81
CA ALA B 216 -15.22 -21.48 13.65
C ALA B 216 -14.31 -22.64 14.10
N ALA B 217 -13.51 -22.38 15.13
CA ALA B 217 -12.61 -23.39 15.70
C ALA B 217 -13.40 -24.52 16.36
N TYR B 218 -14.45 -24.17 17.10
CA TYR B 218 -15.26 -25.15 17.81
C TYR B 218 -15.97 -26.15 16.88
N GLU B 219 -16.48 -25.65 15.76
CA GLU B 219 -17.25 -26.46 14.80
C GLU B 219 -16.40 -27.24 13.78
N GLY B 220 -15.18 -26.76 13.50
CA GLY B 220 -14.29 -27.40 12.52
C GLY B 220 -14.43 -26.88 11.11
N HIS B 221 -15.17 -25.77 10.96
CA HIS B 221 -15.39 -25.13 9.66
C HIS B 221 -15.88 -23.70 9.83
N GLY C 10 -7.74 30.33 1.81
CA GLY C 10 -7.57 29.48 3.03
C GLY C 10 -6.18 28.88 3.17
N VAL C 11 -6.12 27.64 3.67
CA VAL C 11 -4.86 26.92 3.89
C VAL C 11 -4.00 26.84 2.62
N THR C 12 -4.65 26.70 1.45
CA THR C 12 -3.93 26.63 0.17
C THR C 12 -3.19 27.93 -0.14
N GLY C 13 -3.81 29.05 0.22
CA GLY C 13 -3.19 30.36 0.05
C GLY C 13 -1.94 30.52 0.90
N GLU C 14 -1.99 30.04 2.14
CA GLU C 14 -0.80 30.06 3.02
C GLU C 14 0.34 29.24 2.42
N LEU C 15 0.01 28.03 1.97
CA LEU C 15 1.01 27.16 1.34
C LEU C 15 1.66 27.90 0.17
N ARG C 16 0.85 28.63 -0.59
CA ARG C 16 1.32 29.42 -1.73
C ARG C 16 2.28 30.55 -1.26
N ARG C 17 1.88 31.26 -0.22
CA ARG C 17 2.73 32.35 0.33
C ARG C 17 4.06 31.82 0.83
N ARG C 18 4.03 30.77 1.64
CA ARG C 18 5.26 30.18 2.19
C ARG C 18 6.15 29.65 1.07
N ALA C 19 5.54 29.14 0.00
CA ALA C 19 6.27 28.61 -1.16
C ALA C 19 6.66 29.69 -2.17
N ASP C 20 6.29 30.95 -1.92
CA ASP C 20 6.51 32.06 -2.88
C ASP C 20 7.95 32.17 -3.37
N GLY C 21 8.89 31.90 -2.48
CA GLY C 21 10.32 31.92 -2.85
C GLY C 21 10.64 30.94 -3.96
N ILE C 22 10.20 29.68 -3.79
CA ILE C 22 10.46 28.65 -4.80
C ILE C 22 9.57 28.90 -6.04
N TRP C 23 8.29 29.23 -5.82
CA TRP C 23 7.34 29.46 -6.92
C TRP C 23 7.72 30.61 -7.84
N GLN C 24 8.29 31.67 -7.29
CA GLN C 24 8.69 32.82 -8.13
C GLN C 24 9.91 32.48 -9.00
N ARG C 25 10.70 31.50 -8.56
CA ARG C 25 11.85 31.01 -9.30
C ARG C 25 11.35 30.10 -10.41
N ILE C 26 10.21 29.45 -10.19
CA ILE C 26 9.52 28.67 -11.24
C ILE C 26 8.90 29.61 -12.25
N LEU C 27 8.06 30.53 -11.79
CA LEU C 27 7.33 31.45 -12.67
C LEU C 27 8.24 32.28 -13.59
N ALA C 28 9.46 32.57 -13.14
CA ALA C 28 10.40 33.35 -13.96
C ALA C 28 11.43 32.48 -14.68
N HIS C 29 11.24 31.16 -14.67
CA HIS C 29 12.25 30.25 -15.24
C HIS C 29 12.37 30.37 -16.76
N PRO C 30 13.61 30.47 -17.27
CA PRO C 30 13.83 30.63 -18.72
C PRO C 30 13.03 29.67 -19.61
N PHE C 31 13.04 28.37 -19.31
CA PHE C 31 12.34 27.41 -20.16
C PHE C 31 10.94 27.92 -20.43
N VAL C 32 10.20 28.16 -19.35
CA VAL C 32 8.83 28.63 -19.43
C VAL C 32 8.73 29.96 -20.16
N ALA C 33 9.58 30.90 -19.76
CA ALA C 33 9.62 32.21 -20.39
C ALA C 33 9.76 32.06 -21.89
N GLU C 34 10.76 31.29 -22.31
CA GLU C 34 11.08 31.08 -23.73
C GLU C 34 9.98 30.33 -24.48
N LEU C 35 9.32 29.41 -23.79
CA LEU C 35 8.27 28.59 -24.42
C LEU C 35 7.07 29.46 -24.84
N TYR C 36 6.52 30.19 -23.88
CA TYR C 36 5.39 31.09 -24.17
C TYR C 36 5.80 32.20 -25.14
N ALA C 37 7.06 32.60 -25.08
CA ALA C 37 7.58 33.64 -25.96
C ALA C 37 7.71 33.14 -27.40
N GLY C 38 8.09 31.87 -27.54
CA GLY C 38 8.36 31.27 -28.85
C GLY C 38 9.85 31.22 -29.16
N THR C 39 10.66 31.58 -28.17
CA THR C 39 12.12 31.61 -28.28
C THR C 39 12.74 30.24 -28.03
N LEU C 40 12.07 29.42 -27.23
CA LEU C 40 12.62 28.12 -26.82
C LEU C 40 13.02 27.28 -28.01
N PRO C 41 14.26 26.79 -28.02
CA PRO C 41 14.66 25.89 -29.08
C PRO C 41 13.80 24.64 -29.09
N MET C 42 13.32 24.26 -30.27
CA MET C 42 12.45 23.11 -30.46
C MET C 42 13.03 21.81 -29.89
N GLU C 43 14.36 21.66 -29.90
CA GLU C 43 14.98 20.45 -29.35
C GLU C 43 14.72 20.35 -27.85
N LYS C 44 14.75 21.47 -27.16
CA LYS C 44 14.44 21.49 -25.73
C LYS C 44 12.98 21.11 -25.50
N PHE C 45 12.09 21.69 -26.30
CA PHE C 45 10.66 21.36 -26.22
C PHE C 45 10.44 19.87 -26.45
N LYS C 46 11.08 19.34 -27.50
CA LYS C 46 10.99 17.92 -27.81
C LYS C 46 11.46 17.06 -26.64
N TYR C 47 12.53 17.50 -25.97
CA TYR C 47 13.06 16.77 -24.80
C TYR C 47 12.06 16.75 -23.66
N TYR C 48 11.50 17.92 -23.39
CA TYR C 48 10.46 18.09 -22.39
C TYR C 48 9.25 17.18 -22.68
N LEU C 49 8.78 17.17 -23.93
CA LEU C 49 7.66 16.27 -24.30
C LEU C 49 8.04 14.82 -24.06
N LEU C 50 9.23 14.39 -24.47
CA LEU C 50 9.64 13.01 -24.19
C LEU C 50 9.61 12.71 -22.67
N GLN C 51 10.11 13.62 -21.84
CA GLN C 51 10.13 13.43 -20.38
C GLN C 51 8.73 13.42 -19.75
N ASP C 52 7.76 14.06 -20.42
CA ASP C 52 6.38 14.13 -19.91
C ASP C 52 5.69 12.76 -19.81
N TYR C 53 6.07 11.81 -20.65
CA TYR C 53 5.39 10.52 -20.66
C TYR C 53 5.47 9.90 -19.27
N ASN C 54 6.69 9.83 -18.74
CA ASN C 54 6.92 9.28 -17.40
C ASN C 54 6.21 10.10 -16.33
N TYR C 55 6.16 11.42 -16.54
CA TYR C 55 5.51 12.35 -15.62
C TYR C 55 4.03 11.99 -15.60
N LEU C 56 3.48 11.84 -16.80
CA LEU C 56 2.05 11.61 -17.00
C LEU C 56 1.57 10.27 -16.45
N VAL C 57 2.24 9.20 -16.86
CA VAL C 57 1.93 7.84 -16.41
C VAL C 57 1.94 7.68 -14.89
N ASN C 58 3.05 8.07 -14.27
CA ASN C 58 3.26 7.91 -12.81
C ASN C 58 2.38 8.85 -11.96
N PHE C 59 2.02 9.99 -12.54
CA PHE C 59 1.13 10.94 -11.88
C PHE C 59 -0.28 10.30 -11.87
N ALA C 60 -0.59 9.52 -12.90
CA ALA C 60 -1.84 8.76 -12.91
C ALA C 60 -1.83 7.70 -11.80
N LYS C 61 -0.72 6.98 -11.62
CA LYS C 61 -0.58 6.04 -10.50
C LYS C 61 -0.79 6.72 -9.15
N ALA C 62 -0.12 7.85 -8.97
CA ALA C 62 -0.22 8.64 -7.75
C ALA C 62 -1.68 9.01 -7.47
N LEU C 63 -2.39 9.47 -8.49
CA LEU C 63 -3.80 9.81 -8.32
C LEU C 63 -4.63 8.57 -7.98
N SER C 64 -4.25 7.40 -8.50
CA SER C 64 -4.96 6.15 -8.18
C SER C 64 -4.77 5.74 -6.72
N LEU C 65 -3.55 5.87 -6.23
CA LEU C 65 -3.23 5.57 -4.82
C LEU C 65 -4.02 6.51 -3.92
N ALA C 66 -4.02 7.79 -4.28
CA ALA C 66 -4.81 8.80 -3.57
C ALA C 66 -6.27 8.38 -3.48
N ALA C 67 -6.85 8.06 -4.63
CA ALA C 67 -8.26 7.65 -4.68
C ALA C 67 -8.54 6.50 -3.73
N SER C 68 -7.66 5.50 -3.74
CA SER C 68 -7.87 4.28 -2.96
C SER C 68 -8.11 4.53 -1.48
N ARG C 69 -7.81 5.73 -0.99
CA ARG C 69 -8.01 6.03 0.42
C ARG C 69 -8.52 7.44 0.69
N ALA C 70 -9.54 7.81 -0.08
CA ALA C 70 -10.22 9.09 0.10
C ALA C 70 -11.14 8.99 1.32
N PRO C 71 -11.16 10.02 2.18
CA PRO C 71 -12.05 10.01 3.35
C PRO C 71 -13.51 9.90 3.02
N SER C 72 -13.92 10.40 1.86
CA SER C 72 -15.30 10.29 1.41
C SER C 72 -15.36 9.66 0.03
N VAL C 73 -16.57 9.35 -0.42
CA VAL C 73 -16.82 8.76 -1.72
C VAL C 73 -16.69 9.83 -2.80
N ASP C 74 -17.20 11.02 -2.54
CA ASP C 74 -17.12 12.14 -3.49
C ASP C 74 -15.68 12.53 -3.78
N LEU C 75 -14.84 12.49 -2.73
CA LEU C 75 -13.39 12.73 -2.89
C LEU C 75 -12.75 11.60 -3.69
N MET C 76 -13.25 10.37 -3.52
CA MET C 76 -12.77 9.25 -4.32
C MET C 76 -13.06 9.51 -5.80
N LYS C 77 -14.30 9.89 -6.13
CA LYS C 77 -14.65 10.22 -7.51
C LYS C 77 -13.73 11.25 -8.16
N THR C 78 -13.28 12.25 -7.39
CA THR C 78 -12.41 13.33 -7.88
C THR C 78 -11.04 12.79 -8.29
N ALA C 79 -10.40 12.03 -7.39
CA ALA C 79 -9.13 11.38 -7.68
C ALA C 79 -9.21 10.48 -8.92
N LEU C 80 -10.20 9.59 -8.93
CA LEU C 80 -10.41 8.68 -10.05
C LEU C 80 -10.64 9.39 -11.37
N GLU C 81 -11.44 10.46 -11.39
CA GLU C 81 -11.73 11.14 -12.67
C GLU C 81 -10.48 11.81 -13.17
N LEU C 82 -9.71 12.34 -12.23
CA LEU C 82 -8.45 12.99 -12.54
C LEU C 82 -7.47 11.94 -13.11
N ALA C 83 -7.33 10.84 -12.39
CA ALA C 83 -6.49 9.71 -12.81
C ALA C 83 -6.87 9.25 -14.19
N TYR C 84 -8.17 9.03 -14.38
CA TYR C 84 -8.70 8.62 -15.68
C TYR C 84 -8.49 9.69 -16.73
N GLY C 85 -8.63 10.95 -16.33
CA GLY C 85 -8.37 12.08 -17.22
C GLY C 85 -6.93 12.05 -17.71
N THR C 86 -5.98 11.91 -16.77
CA THR C 86 -4.57 11.87 -17.12
C THR C 86 -4.26 10.84 -18.20
N VAL C 87 -4.98 9.71 -18.18
CA VAL C 87 -4.70 8.58 -19.05
C VAL C 87 -5.62 8.48 -20.28
N THR C 88 -6.61 9.36 -20.34
CA THR C 88 -7.57 9.41 -21.45
C THR C 88 -7.46 10.72 -22.25
N GLY C 89 -8.00 11.82 -21.72
CA GLY C 89 -7.94 13.14 -22.38
C GLY C 89 -6.55 13.72 -22.57
N GLU C 90 -5.79 13.86 -21.48
CA GLU C 90 -4.40 14.36 -21.52
C GLU C 90 -3.58 13.58 -22.51
N MET C 91 -3.60 12.26 -22.37
CA MET C 91 -2.82 11.38 -23.23
C MET C 91 -3.13 11.65 -24.70
N ALA C 92 -4.40 11.82 -25.04
CA ALA C 92 -4.79 12.11 -26.41
C ALA C 92 -4.12 13.38 -26.87
N ASN C 93 -4.22 14.42 -26.05
CA ASN C 93 -3.61 15.73 -26.34
C ASN C 93 -2.09 15.65 -26.42
N TYR C 94 -1.49 14.85 -25.52
CA TYR C 94 -0.05 14.66 -25.51
C TYR C 94 0.42 13.98 -26.79
N GLU C 95 -0.26 12.90 -27.18
CA GLU C 95 0.06 12.19 -28.42
C GLU C 95 -0.10 13.13 -29.63
N ALA C 96 -1.13 13.97 -29.59
CA ALA C 96 -1.38 14.97 -30.63
C ALA C 96 -0.31 16.05 -30.68
N LEU C 97 0.31 16.31 -29.53
CA LEU C 97 1.37 17.32 -29.39
C LEU C 97 2.66 16.70 -29.90
N LEU C 98 2.86 15.41 -29.64
CA LEU C 98 4.04 14.69 -30.12
C LEU C 98 4.04 14.55 -31.66
N LYS C 99 2.85 14.29 -32.24
CA LYS C 99 2.71 14.13 -33.70
C LYS C 99 3.09 15.40 -34.47
N GLU C 100 2.72 16.56 -33.93
CA GLU C 100 3.04 17.83 -34.57
C GLU C 100 4.53 18.11 -34.62
N VAL C 101 5.25 17.55 -33.66
CA VAL C 101 6.69 17.72 -33.50
C VAL C 101 7.44 16.57 -34.19
N GLY C 102 6.69 15.68 -34.80
CA GLY C 102 7.28 14.53 -35.51
C GLY C 102 7.66 13.37 -34.61
N LEU C 103 7.20 13.39 -33.37
CA LEU C 103 7.45 12.31 -32.41
C LEU C 103 6.20 11.45 -32.29
N SER C 104 6.35 10.27 -31.68
CA SER C 104 5.25 9.32 -31.46
C SER C 104 5.19 8.86 -30.01
N LEU C 105 4.06 8.29 -29.60
CA LEU C 105 3.94 7.76 -28.23
C LEU C 105 5.00 6.70 -27.96
N ARG C 106 5.31 5.92 -28.98
CA ARG C 106 6.34 4.90 -28.88
C ARG C 106 7.67 5.56 -28.49
N ASP C 107 8.01 6.67 -29.14
CA ASP C 107 9.24 7.41 -28.83
C ASP C 107 9.26 7.79 -27.36
N ALA C 108 8.16 8.36 -26.90
CA ALA C 108 8.00 8.82 -25.50
C ALA C 108 8.17 7.68 -24.49
N ALA C 109 7.45 6.59 -24.72
CA ALA C 109 7.52 5.38 -23.90
C ALA C 109 8.97 4.88 -23.78
N GLU C 110 9.71 4.94 -24.89
CA GLU C 110 11.09 4.48 -24.92
C GLU C 110 12.07 5.52 -24.36
N ALA C 111 11.63 6.78 -24.23
CA ALA C 111 12.49 7.85 -23.69
C ALA C 111 12.91 7.54 -22.27
N GLU C 112 14.18 7.79 -21.97
CA GLU C 112 14.73 7.53 -20.64
C GLU C 112 14.43 8.68 -19.68
N PRO C 113 13.64 8.42 -18.63
CA PRO C 113 13.38 9.52 -17.71
C PRO C 113 14.68 9.98 -17.06
N ASN C 114 14.83 11.29 -16.90
CA ASN C 114 15.98 11.84 -16.22
C ASN C 114 15.86 11.65 -14.68
N ARG C 115 16.89 12.11 -13.95
CA ARG C 115 16.95 11.95 -12.49
C ARG C 115 15.84 12.67 -11.74
N VAL C 116 15.63 13.94 -12.07
CA VAL C 116 14.57 14.74 -11.44
C VAL C 116 13.23 14.02 -11.64
N ASN C 117 12.99 13.59 -12.86
CA ASN C 117 11.76 12.89 -13.22
C ASN C 117 11.54 11.68 -12.30
N VAL C 118 12.50 10.76 -12.29
CA VAL C 118 12.38 9.54 -11.50
C VAL C 118 12.18 9.88 -10.01
N SER C 119 13.01 10.79 -9.51
CA SER C 119 12.94 11.19 -8.09
C SER C 119 11.61 11.86 -7.71
N TYR C 120 11.06 12.64 -8.62
CA TYR C 120 9.81 13.36 -8.39
C TYR C 120 8.64 12.39 -8.39
N MET C 121 8.62 11.48 -9.35
CA MET C 121 7.56 10.50 -9.45
C MET C 121 7.65 9.52 -8.29
N ALA C 122 8.88 9.21 -7.89
CA ALA C 122 9.11 8.39 -6.69
C ALA C 122 8.46 9.06 -5.47
N TYR C 123 8.69 10.36 -5.34
CA TYR C 123 8.18 11.11 -4.18
C TYR C 123 6.65 11.11 -4.13
N LEU C 124 6.01 11.37 -5.27
CA LEU C 124 4.54 11.39 -5.35
C LEU C 124 3.96 10.01 -5.06
N LYS C 125 4.53 8.98 -5.67
CA LYS C 125 4.09 7.59 -5.48
C LYS C 125 4.27 7.15 -4.02
N SER C 126 5.45 7.43 -3.47
CA SER C 126 5.72 7.13 -2.05
C SER C 126 4.73 7.86 -1.13
N THR C 127 4.63 9.17 -1.33
CA THR C 127 3.71 9.99 -0.56
C THR C 127 2.28 9.46 -0.67
N CYS C 128 1.88 9.10 -1.89
CA CYS C 128 0.51 8.64 -2.14
C CYS C 128 0.19 7.21 -1.72
N ALA C 129 1.21 6.39 -1.55
CA ALA C 129 1.01 5.01 -1.16
C ALA C 129 1.10 4.82 0.35
N LEU C 130 1.56 5.85 1.08
CA LEU C 130 1.75 5.73 2.54
C LEU C 130 1.16 6.87 3.40
N GLU C 131 0.99 8.07 2.83
CA GLU C 131 0.51 9.22 3.62
C GLU C 131 -1.01 9.38 3.60
N GLY C 132 -1.49 10.39 4.31
CA GLY C 132 -2.93 10.69 4.35
C GLY C 132 -3.40 11.26 3.01
N PHE C 133 -4.70 11.22 2.79
CA PHE C 133 -5.29 11.70 1.54
C PHE C 133 -5.04 13.19 1.28
N TYR C 134 -5.40 14.05 2.24
CA TYR C 134 -5.20 15.49 2.09
C TYR C 134 -3.71 15.86 1.97
N GLN C 135 -2.86 14.99 2.51
CA GLN C 135 -1.42 15.19 2.38
C GLN C 135 -1.01 14.81 0.97
N CYS C 136 -1.59 13.75 0.43
N CYS C 136 -1.61 13.74 0.45
CA CYS C 136 -1.34 13.41 -0.98
CA CYS C 136 -1.43 13.34 -0.93
C CYS C 136 -1.76 14.53 -1.90
C CYS C 136 -1.75 14.51 -1.86
N MET C 137 -2.92 15.12 -1.62
CA MET C 137 -3.42 16.22 -2.44
C MET C 137 -2.46 17.41 -2.38
N ALA C 138 -1.89 17.66 -1.21
CA ALA C 138 -0.93 18.74 -1.04
C ALA C 138 0.34 18.51 -1.90
N ALA C 139 0.67 17.24 -2.12
CA ALA C 139 1.80 16.85 -2.96
C ALA C 139 1.45 17.00 -4.45
N LEU C 140 0.20 16.72 -4.79
CA LEU C 140 -0.26 16.77 -6.19
C LEU C 140 -0.69 18.17 -6.64
N LEU C 141 -0.96 19.08 -5.71
CA LEU C 141 -1.48 20.40 -6.04
C LEU C 141 -0.50 21.33 -6.80
N PRO C 142 0.79 21.35 -6.42
CA PRO C 142 1.74 22.25 -7.11
C PRO C 142 1.75 22.04 -8.62
N CYS C 143 1.67 20.78 -9.03
CA CYS C 143 1.65 20.42 -10.45
C CYS C 143 0.52 21.11 -11.22
N PHE C 144 -0.69 20.95 -10.74
CA PHE C 144 -1.86 21.55 -11.39
C PHE C 144 -1.81 23.08 -11.34
N TRP C 145 -1.66 23.58 -10.13
CA TRP C 145 -1.75 25.03 -9.87
C TRP C 145 -0.63 25.83 -10.54
N SER C 146 0.60 25.35 -10.47
CA SER C 146 1.74 26.12 -11.00
C SER C 146 1.59 26.33 -12.49
N TYR C 147 1.21 25.26 -13.20
CA TYR C 147 1.00 25.39 -14.66
C TYR C 147 -0.08 26.44 -14.96
N ALA C 148 -1.09 26.51 -14.10
CA ALA C 148 -2.12 27.53 -14.23
C ALA C 148 -1.52 28.91 -14.05
N GLU C 149 -0.66 29.06 -13.06
CA GLU C 149 -0.09 30.38 -12.80
C GLU C 149 1.01 30.74 -13.77
N ILE C 150 1.72 29.74 -14.27
CA ILE C 150 2.71 29.96 -15.33
C ILE C 150 2.02 30.62 -16.53
N ALA C 151 0.88 30.04 -16.93
CA ALA C 151 0.05 30.53 -18.04
C ALA C 151 -0.52 31.92 -17.77
N GLU C 152 -0.95 32.15 -16.54
CA GLU C 152 -1.49 33.45 -16.16
C GLU C 152 -0.42 34.55 -16.33
N ARG C 153 0.82 34.19 -15.99
CA ARG C 153 1.96 35.11 -16.05
C ARG C 153 2.37 35.43 -17.48
N HIS C 154 2.70 34.39 -18.23
CA HIS C 154 3.27 34.52 -19.58
C HIS C 154 2.23 34.40 -20.69
N GLY C 155 0.96 34.30 -20.33
CA GLY C 155 -0.11 34.15 -21.32
C GLY C 155 -0.15 35.23 -22.39
N GLY C 156 0.14 36.46 -21.99
CA GLY C 156 0.12 37.60 -22.90
C GLY C 156 1.10 37.46 -24.04
N LYS C 157 2.19 36.73 -23.79
CA LYS C 157 3.23 36.53 -24.80
C LYS C 157 2.84 35.59 -25.96
N LEU C 158 1.81 34.77 -25.77
CA LEU C 158 1.36 33.84 -26.81
C LEU C 158 0.88 34.55 -28.09
N ARG C 159 0.33 35.76 -27.93
CA ARG C 159 -0.15 36.54 -29.08
C ARG C 159 0.90 36.68 -30.17
N GLU C 160 2.14 36.99 -29.77
CA GLU C 160 3.27 37.15 -30.69
C GLU C 160 4.08 35.87 -30.92
N ASN C 161 3.72 34.78 -30.23
CA ASN C 161 4.42 33.50 -30.36
C ASN C 161 4.07 32.87 -31.70
N PRO C 162 5.08 32.64 -32.58
CA PRO C 162 4.85 32.10 -33.91
C PRO C 162 4.86 30.57 -34.02
N VAL C 163 5.16 29.87 -32.94
CA VAL C 163 5.23 28.41 -32.99
C VAL C 163 3.87 27.84 -32.58
N HIS C 164 3.16 27.25 -33.55
CA HIS C 164 1.83 26.67 -33.32
C HIS C 164 1.78 25.67 -32.16
N VAL C 165 2.66 24.67 -32.21
CA VAL C 165 2.72 23.64 -31.15
C VAL C 165 2.88 24.24 -29.74
N TYR C 166 3.71 25.28 -29.63
CA TYR C 166 3.94 25.98 -28.36
C TYR C 166 2.64 26.60 -27.82
N LYS C 167 1.87 27.19 -28.73
CA LYS C 167 0.60 27.79 -28.37
C LYS C 167 -0.44 26.74 -28.00
N LYS C 168 -0.47 25.67 -28.79
CA LYS C 168 -1.42 24.58 -28.58
C LYS C 168 -1.21 23.97 -27.21
N TRP C 169 0.06 23.79 -26.85
CA TRP C 169 0.44 23.29 -25.55
C TRP C 169 -0.10 24.20 -24.44
N ALA C 170 0.20 25.49 -24.55
CA ALA C 170 -0.17 26.45 -23.52
C ALA C 170 -1.68 26.67 -23.38
N SER C 171 -2.43 26.51 -24.46
CA SER C 171 -3.89 26.77 -24.44
C SER C 171 -4.64 26.11 -23.29
N VAL C 172 -4.32 24.83 -23.05
CA VAL C 172 -4.93 24.06 -21.96
C VAL C 172 -4.92 24.84 -20.66
N TYR C 173 -3.74 25.34 -20.31
CA TYR C 173 -3.52 25.97 -19.00
C TYR C 173 -4.21 27.31 -18.89
N LEU C 174 -4.51 27.91 -20.03
CA LEU C 174 -5.28 29.15 -20.07
C LEU C 174 -6.79 28.91 -20.02
N SER C 175 -7.24 27.75 -20.46
CA SER C 175 -8.68 27.46 -20.60
C SER C 175 -9.46 27.57 -19.29
N PRO C 176 -10.71 28.04 -19.35
CA PRO C 176 -11.55 28.10 -18.15
C PRO C 176 -11.77 26.73 -17.47
N GLU C 177 -11.71 25.64 -18.23
CA GLU C 177 -11.89 24.30 -17.66
C GLU C 177 -10.71 23.96 -16.76
N TYR C 178 -9.50 24.29 -17.21
CA TYR C 178 -8.29 23.98 -16.44
C TYR C 178 -8.24 24.79 -15.13
N ARG C 179 -8.58 26.07 -15.21
CA ARG C 179 -8.56 26.91 -14.01
C ARG C 179 -9.60 26.40 -13.00
N GLY C 180 -10.79 26.08 -13.48
CA GLY C 180 -11.87 25.53 -12.64
C GLY C 180 -11.47 24.28 -11.89
N LEU C 181 -10.64 23.45 -12.51
CA LEU C 181 -10.09 22.23 -11.91
C LEU C 181 -9.17 22.58 -10.76
N VAL C 182 -8.31 23.57 -10.97
CA VAL C 182 -7.41 24.04 -9.92
C VAL C 182 -8.24 24.52 -8.73
N GLU C 183 -9.26 25.33 -9.01
CA GLU C 183 -10.13 25.88 -7.96
C GLU C 183 -10.79 24.77 -7.16
N ARG C 184 -11.23 23.72 -7.85
CA ARG C 184 -11.79 22.54 -7.18
C ARG C 184 -10.76 21.79 -6.32
N LEU C 185 -9.53 21.66 -6.82
CA LEU C 185 -8.47 21.01 -6.02
C LEU C 185 -8.12 21.88 -4.81
N ARG C 186 -8.10 23.20 -4.98
CA ARG C 186 -7.84 24.11 -3.84
C ARG C 186 -8.99 23.99 -2.86
N ALA C 187 -10.21 24.01 -3.40
CA ALA C 187 -11.40 23.76 -2.61
C ALA C 187 -11.19 22.51 -1.73
N VAL C 188 -10.89 21.38 -2.38
CA VAL C 188 -10.72 20.12 -1.65
C VAL C 188 -9.82 20.29 -0.41
N LEU C 189 -8.72 21.05 -0.54
CA LEU C 189 -7.80 21.26 0.58
C LEU C 189 -8.32 22.29 1.60
N ASP C 190 -8.66 23.48 1.12
CA ASP C 190 -9.16 24.57 1.95
C ASP C 190 -10.24 24.13 2.93
N SER C 191 -11.09 23.18 2.52
CA SER C 191 -12.18 22.68 3.36
C SER C 191 -11.86 21.36 4.08
N SER C 192 -10.60 20.95 4.11
CA SER C 192 -10.21 19.69 4.75
C SER C 192 -10.17 19.78 6.28
N GLY C 193 -10.06 20.99 6.80
CA GLY C 193 -9.94 21.20 8.23
C GLY C 193 -8.55 20.91 8.76
N LEU C 194 -7.56 20.84 7.85
CA LEU C 194 -6.18 20.61 8.23
C LEU C 194 -5.34 21.89 8.12
N SER C 195 -4.22 21.88 8.84
CA SER C 195 -3.33 23.05 8.97
C SER C 195 -2.30 23.22 7.84
N ALA C 196 -2.23 24.45 7.33
CA ALA C 196 -1.23 24.83 6.34
C ALA C 196 0.18 24.42 6.81
N GLU C 197 0.44 24.57 8.10
CA GLU C 197 1.76 24.25 8.65
C GLU C 197 2.05 22.74 8.55
N GLU C 198 1.03 21.92 8.76
CA GLU C 198 1.19 20.47 8.76
C GLU C 198 0.88 19.85 7.40
N LEU C 199 0.56 20.70 6.43
CA LEU C 199 0.29 20.29 5.06
C LEU C 199 1.39 20.84 4.10
N TRP C 200 2.25 21.70 4.62
CA TRP C 200 3.30 22.34 3.84
C TRP C 200 4.46 21.42 3.40
N PRO C 201 4.97 20.56 4.29
CA PRO C 201 6.12 19.75 3.86
C PRO C 201 5.92 18.92 2.59
N TYR C 202 4.69 18.75 2.15
CA TYR C 202 4.37 18.02 0.90
C TYR C 202 4.22 18.96 -0.29
N PHE C 203 3.51 20.07 -0.06
CA PHE C 203 3.36 21.16 -1.02
C PHE C 203 4.71 21.84 -1.32
N LYS C 204 5.60 21.87 -0.33
CA LYS C 204 6.92 22.44 -0.50
C LYS C 204 7.76 21.59 -1.44
N GLU C 205 8.00 20.33 -1.03
CA GLU C 205 8.86 19.40 -1.77
C GLU C 205 8.40 19.26 -3.23
N ALA C 206 7.07 19.20 -3.44
CA ALA C 206 6.55 19.11 -4.81
C ALA C 206 6.94 20.36 -5.60
N SER C 207 6.75 21.53 -4.99
CA SER C 207 7.12 22.80 -5.61
C SER C 207 8.61 22.79 -6.00
N LEU C 208 9.48 22.29 -5.12
CA LEU C 208 10.92 22.16 -5.41
C LEU C 208 11.20 21.20 -6.58
N TYR C 209 10.47 20.10 -6.63
CA TYR C 209 10.64 19.14 -7.73
C TYR C 209 10.18 19.74 -9.06
N GLU C 210 9.12 20.55 -9.04
CA GLU C 210 8.67 21.23 -10.25
C GLU C 210 9.77 22.16 -10.76
N LEU C 211 10.38 22.91 -9.85
CA LEU C 211 11.48 23.79 -10.23
C LEU C 211 12.63 22.96 -10.82
N GLU C 212 12.96 21.85 -10.17
CA GLU C 212 13.98 20.94 -10.69
C GLU C 212 13.58 20.29 -12.02
N PHE C 213 12.27 20.14 -12.28
CA PHE C 213 11.81 19.52 -13.54
C PHE C 213 11.98 20.46 -14.74
N TRP C 214 11.65 21.74 -14.55
CA TRP C 214 11.85 22.73 -15.60
C TRP C 214 13.32 22.85 -15.94
N GLN C 215 14.15 23.06 -14.91
CA GLN C 215 15.59 23.25 -15.10
C GLN C 215 16.26 22.06 -15.80
N ALA C 216 15.79 20.85 -15.49
CA ALA C 216 16.37 19.66 -16.12
C ALA C 216 16.07 19.63 -17.62
N ALA C 217 14.85 20.05 -17.98
CA ALA C 217 14.41 20.10 -19.38
C ALA C 217 15.15 21.17 -20.15
N TYR C 218 15.49 22.26 -19.47
CA TYR C 218 16.21 23.39 -20.07
C TYR C 218 17.68 23.09 -20.29
N GLU C 219 18.21 22.12 -19.54
CA GLU C 219 19.60 21.69 -19.66
C GLU C 219 19.71 20.45 -20.53
N GLY C 220 18.59 19.75 -20.71
CA GLY C 220 18.55 18.54 -21.54
C GLY C 220 19.13 17.30 -20.87
N HIS C 221 19.43 17.38 -19.58
CA HIS C 221 20.00 16.26 -18.82
C HIS C 221 19.71 16.33 -17.32
N HIS D 6 -9.11 -9.10 -26.81
CA HIS D 6 -10.58 -9.03 -26.97
C HIS D 6 -11.29 -10.22 -26.33
N HIS D 7 -10.81 -11.42 -26.62
CA HIS D 7 -11.47 -12.66 -26.20
C HIS D 7 -10.59 -13.60 -25.39
N HIS D 8 -11.18 -14.72 -24.99
CA HIS D 8 -10.52 -15.67 -24.11
C HIS D 8 -10.11 -17.02 -24.71
N HIS D 9 -9.17 -17.62 -24.00
CA HIS D 9 -9.04 -19.07 -23.87
C HIS D 9 -7.81 -19.46 -23.04
N GLY D 10 -8.08 -20.22 -21.97
CA GLY D 10 -7.03 -20.79 -21.12
C GLY D 10 -7.34 -20.88 -19.64
N VAL D 11 -6.55 -20.15 -18.86
CA VAL D 11 -6.55 -20.21 -17.40
C VAL D 11 -7.88 -19.83 -16.73
N THR D 12 -8.60 -18.90 -17.33
CA THR D 12 -9.85 -18.44 -16.72
C THR D 12 -10.93 -19.55 -16.77
N GLY D 13 -10.87 -20.39 -17.80
CA GLY D 13 -11.77 -21.53 -17.94
C GLY D 13 -11.49 -22.58 -16.88
N GLU D 14 -10.20 -22.82 -16.61
CA GLU D 14 -9.79 -23.75 -15.55
C GLU D 14 -10.29 -23.28 -14.19
N LEU D 15 -10.10 -22.00 -13.90
CA LEU D 15 -10.59 -21.43 -12.65
C LEU D 15 -12.11 -21.62 -12.53
N ARG D 16 -12.82 -21.46 -13.63
CA ARG D 16 -14.27 -21.64 -13.65
C ARG D 16 -14.64 -23.08 -13.36
N ARG D 17 -13.94 -24.02 -13.99
CA ARG D 17 -14.16 -25.47 -13.75
C ARG D 17 -13.91 -25.90 -12.29
N ARG D 18 -12.78 -25.50 -11.74
CA ARG D 18 -12.46 -25.82 -10.34
C ARG D 18 -13.47 -25.18 -9.40
N ALA D 19 -13.96 -24.01 -9.76
CA ALA D 19 -14.94 -23.29 -8.94
C ALA D 19 -16.38 -23.74 -9.20
N ASP D 20 -16.57 -24.69 -10.10
CA ASP D 20 -17.93 -25.11 -10.49
C ASP D 20 -18.80 -25.45 -9.29
N GLY D 21 -18.23 -26.11 -8.30
CA GLY D 21 -18.98 -26.50 -7.10
C GLY D 21 -19.61 -25.30 -6.41
N ILE D 22 -18.80 -24.28 -6.19
CA ILE D 22 -19.24 -23.04 -5.57
C ILE D 22 -20.20 -22.30 -6.51
N TRP D 23 -19.76 -22.14 -7.75
CA TRP D 23 -20.51 -21.40 -8.77
C TRP D 23 -21.91 -21.94 -9.04
N GLN D 24 -22.05 -23.25 -9.01
CA GLN D 24 -23.37 -23.87 -9.24
C GLN D 24 -24.32 -23.58 -8.08
N ARG D 25 -23.75 -23.37 -6.91
CA ARG D 25 -24.53 -23.05 -5.72
C ARG D 25 -24.99 -21.60 -5.84
N ILE D 26 -24.17 -20.76 -6.49
CA ILE D 26 -24.52 -19.36 -6.78
C ILE D 26 -25.62 -19.28 -7.83
N LEU D 27 -25.39 -19.95 -8.96
CA LEU D 27 -26.31 -19.91 -10.10
C LEU D 27 -27.72 -20.40 -9.78
N ALA D 28 -27.82 -21.31 -8.82
CA ALA D 28 -29.11 -21.85 -8.41
C ALA D 28 -29.66 -21.20 -7.14
N HIS D 29 -29.01 -20.15 -6.65
CA HIS D 29 -29.41 -19.56 -5.38
C HIS D 29 -30.81 -18.92 -5.43
N PRO D 30 -31.66 -19.18 -4.41
CA PRO D 30 -33.03 -18.66 -4.42
C PRO D 30 -33.15 -17.15 -4.66
N PHE D 31 -32.28 -16.35 -4.06
CA PHE D 31 -32.38 -14.90 -4.24
C PHE D 31 -32.43 -14.59 -5.72
N VAL D 32 -31.43 -15.08 -6.44
CA VAL D 32 -31.29 -14.83 -7.88
C VAL D 32 -32.46 -15.44 -8.65
N ALA D 33 -32.78 -16.68 -8.33
CA ALA D 33 -33.90 -17.38 -8.98
C ALA D 33 -35.16 -16.55 -8.86
N GLU D 34 -35.44 -16.11 -7.64
CA GLU D 34 -36.65 -15.33 -7.36
C GLU D 34 -36.64 -13.93 -7.99
N LEU D 35 -35.47 -13.32 -8.09
CA LEU D 35 -35.38 -11.97 -8.65
C LEU D 35 -35.74 -12.01 -10.12
N TYR D 36 -35.05 -12.86 -10.89
CA TYR D 36 -35.33 -12.96 -12.32
C TYR D 36 -36.76 -13.40 -12.57
N ALA D 37 -37.29 -14.25 -11.68
CA ALA D 37 -38.66 -14.77 -11.83
C ALA D 37 -39.70 -13.73 -11.48
N GLY D 38 -39.37 -12.81 -10.58
CA GLY D 38 -40.30 -11.76 -10.15
C GLY D 38 -40.99 -12.12 -8.85
N THR D 39 -40.53 -13.21 -8.25
CA THR D 39 -41.08 -13.74 -7.01
C THR D 39 -40.47 -13.08 -5.77
N LEU D 40 -39.25 -12.62 -5.91
CA LEU D 40 -38.49 -12.07 -4.78
C LEU D 40 -39.25 -10.95 -4.08
N PRO D 41 -39.43 -11.07 -2.76
CA PRO D 41 -40.05 -9.98 -2.04
C PRO D 41 -39.27 -8.67 -2.22
N MET D 42 -40.01 -7.59 -2.50
CA MET D 42 -39.40 -6.27 -2.69
C MET D 42 -38.54 -5.82 -1.51
N GLU D 43 -38.88 -6.22 -0.29
CA GLU D 43 -38.06 -5.85 0.89
C GLU D 43 -36.65 -6.43 0.80
N LYS D 44 -36.53 -7.66 0.30
CA LYS D 44 -35.24 -8.31 0.11
C LYS D 44 -34.46 -7.62 -1.00
N PHE D 45 -35.13 -7.25 -2.08
CA PHE D 45 -34.44 -6.50 -3.15
C PHE D 45 -33.98 -5.15 -2.61
N LYS D 46 -34.86 -4.48 -1.87
CA LYS D 46 -34.52 -3.19 -1.28
C LYS D 46 -33.28 -3.30 -0.37
N TYR D 47 -33.20 -4.39 0.39
CA TYR D 47 -32.07 -4.66 1.29
C TYR D 47 -30.79 -4.82 0.47
N TYR D 48 -30.88 -5.68 -0.54
CA TYR D 48 -29.77 -5.89 -1.48
C TYR D 48 -29.29 -4.57 -2.09
N LEU D 49 -30.21 -3.74 -2.57
CA LEU D 49 -29.79 -2.44 -3.12
C LEU D 49 -29.08 -1.61 -2.05
N LEU D 50 -29.58 -1.55 -0.82
CA LEU D 50 -28.88 -0.79 0.22
C LEU D 50 -27.44 -1.32 0.48
N GLN D 51 -27.27 -2.64 0.52
CA GLN D 51 -25.94 -3.25 0.69
C GLN D 51 -25.03 -3.08 -0.53
N ASP D 52 -25.60 -2.77 -1.70
CA ASP D 52 -24.79 -2.51 -2.91
C ASP D 52 -23.90 -1.26 -2.82
N TYR D 53 -24.31 -0.23 -2.08
CA TYR D 53 -23.50 0.99 -1.98
C TYR D 53 -22.09 0.64 -1.55
N ASN D 54 -21.96 0.05 -0.37
CA ASN D 54 -20.67 -0.33 0.19
C ASN D 54 -19.86 -1.23 -0.72
N TYR D 55 -20.52 -2.13 -1.45
CA TYR D 55 -19.88 -3.10 -2.36
C TYR D 55 -19.27 -2.35 -3.52
N LEU D 56 -20.11 -1.51 -4.12
CA LEU D 56 -19.77 -0.67 -5.27
C LEU D 56 -18.57 0.24 -4.98
N VAL D 57 -18.67 0.98 -3.89
CA VAL D 57 -17.61 1.92 -3.50
C VAL D 57 -16.25 1.25 -3.25
N ASN D 58 -16.26 0.17 -2.48
CA ASN D 58 -15.03 -0.55 -2.13
C ASN D 58 -14.45 -1.30 -3.30
N PHE D 59 -15.31 -1.72 -4.21
CA PHE D 59 -14.87 -2.40 -5.43
C PHE D 59 -14.12 -1.41 -6.29
N ALA D 60 -14.56 -0.16 -6.26
CA ALA D 60 -13.86 0.92 -6.95
C ALA D 60 -12.47 1.12 -6.33
N LYS D 61 -12.38 1.11 -5.00
CA LYS D 61 -11.07 1.22 -4.35
C LYS D 61 -10.16 0.07 -4.77
N ALA D 62 -10.71 -1.13 -4.76
CA ALA D 62 -9.97 -2.33 -5.16
C ALA D 62 -9.38 -2.18 -6.55
N LEU D 63 -10.21 -1.68 -7.46
CA LEU D 63 -9.78 -1.45 -8.85
C LEU D 63 -8.71 -0.35 -8.92
N SER D 64 -8.79 0.64 -8.04
CA SER D 64 -7.79 1.71 -8.00
C SER D 64 -6.44 1.20 -7.51
N LEU D 65 -6.44 0.34 -6.49
CA LEU D 65 -5.19 -0.29 -6.00
C LEU D 65 -4.59 -1.16 -7.11
N ALA D 66 -5.46 -1.93 -7.78
CA ALA D 66 -5.05 -2.75 -8.92
C ALA D 66 -4.32 -1.90 -9.98
N ALA D 67 -4.96 -0.79 -10.37
CA ALA D 67 -4.38 0.12 -11.37
C ALA D 67 -3.00 0.61 -10.96
N SER D 68 -2.86 1.01 -9.70
CA SER D 68 -1.61 1.58 -9.19
C SER D 68 -0.36 0.74 -9.42
N ARG D 69 -0.54 -0.54 -9.77
CA ARG D 69 0.60 -1.42 -10.00
C ARG D 69 0.38 -2.44 -11.11
N ALA D 70 -0.11 -1.95 -12.24
CA ALA D 70 -0.29 -2.76 -13.44
C ALA D 70 1.08 -2.89 -14.12
N PRO D 71 1.38 -4.08 -14.68
CA PRO D 71 2.70 -4.25 -15.28
C PRO D 71 2.91 -3.36 -16.49
N SER D 72 1.83 -2.97 -17.17
CA SER D 72 1.90 -2.10 -18.35
C SER D 72 1.01 -0.88 -18.17
N VAL D 73 1.15 0.08 -19.10
CA VAL D 73 0.35 1.30 -19.09
C VAL D 73 -1.06 1.01 -19.58
N ASP D 74 -1.18 0.17 -20.60
CA ASP D 74 -2.48 -0.25 -21.15
C ASP D 74 -3.32 -0.97 -20.10
N LEU D 75 -2.66 -1.84 -19.33
CA LEU D 75 -3.31 -2.55 -18.22
C LEU D 75 -3.72 -1.55 -17.13
N MET D 76 -2.92 -0.50 -16.93
CA MET D 76 -3.30 0.56 -15.99
C MET D 76 -4.58 1.22 -16.50
N LYS D 77 -4.53 1.70 -17.75
CA LYS D 77 -5.68 2.35 -18.40
C LYS D 77 -6.94 1.53 -18.20
N THR D 78 -6.81 0.21 -18.39
CA THR D 78 -7.94 -0.70 -18.25
C THR D 78 -8.47 -0.68 -16.83
N ALA D 79 -7.58 -0.86 -15.86
CA ALA D 79 -7.96 -0.91 -14.47
C ALA D 79 -8.57 0.42 -14.07
N LEU D 80 -7.95 1.50 -14.54
CA LEU D 80 -8.40 2.84 -14.19
C LEU D 80 -9.79 3.10 -14.78
N GLU D 81 -10.03 2.68 -16.01
CA GLU D 81 -11.32 2.96 -16.65
C GLU D 81 -12.48 2.22 -15.99
N LEU D 82 -12.23 0.98 -15.56
CA LEU D 82 -13.19 0.21 -14.76
C LEU D 82 -13.55 0.91 -13.43
N ALA D 83 -12.55 1.46 -12.75
CA ALA D 83 -12.76 2.14 -11.47
C ALA D 83 -13.68 3.37 -11.65
N TYR D 84 -13.30 4.24 -12.58
CA TYR D 84 -14.06 5.44 -12.92
C TYR D 84 -15.49 5.09 -13.27
N GLY D 85 -15.64 4.07 -14.10
CA GLY D 85 -16.95 3.59 -14.51
C GLY D 85 -17.79 3.20 -13.32
N THR D 86 -17.18 2.45 -12.40
CA THR D 86 -17.87 1.99 -11.21
C THR D 86 -18.47 3.15 -10.43
N VAL D 87 -17.76 4.27 -10.37
CA VAL D 87 -18.26 5.45 -9.65
C VAL D 87 -18.98 6.47 -10.54
N THR D 88 -19.11 6.21 -11.84
CA THR D 88 -19.83 7.14 -12.72
C THR D 88 -21.06 6.50 -13.37
N GLY D 89 -20.84 5.65 -14.37
CA GLY D 89 -21.94 4.97 -15.06
C GLY D 89 -22.71 3.97 -14.22
N GLU D 90 -21.99 3.10 -13.52
CA GLU D 90 -22.63 2.10 -12.65
C GLU D 90 -23.34 2.80 -11.48
N MET D 91 -22.72 3.84 -10.92
CA MET D 91 -23.39 4.67 -9.89
C MET D 91 -24.67 5.31 -10.45
N ALA D 92 -24.60 5.78 -11.69
CA ALA D 92 -25.75 6.37 -12.35
C ALA D 92 -26.91 5.38 -12.32
N ASN D 93 -26.64 4.18 -12.82
CA ASN D 93 -27.66 3.13 -12.86
C ASN D 93 -28.12 2.71 -11.48
N TYR D 94 -27.19 2.70 -10.53
CA TYR D 94 -27.48 2.32 -9.17
C TYR D 94 -28.41 3.33 -8.53
N GLU D 95 -28.10 4.61 -8.70
CA GLU D 95 -28.95 5.65 -8.11
C GLU D 95 -30.34 5.63 -8.73
N ALA D 96 -30.38 5.29 -10.01
CA ALA D 96 -31.64 5.24 -10.76
C ALA D 96 -32.54 4.10 -10.25
N LEU D 97 -31.95 2.93 -10.04
CA LEU D 97 -32.66 1.78 -9.45
C LEU D 97 -33.26 2.17 -8.10
N LEU D 98 -32.46 2.81 -7.26
CA LEU D 98 -32.90 3.25 -5.93
C LEU D 98 -34.12 4.17 -6.03
N LYS D 99 -34.08 5.18 -6.90
CA LYS D 99 -35.21 6.13 -7.03
C LYS D 99 -36.50 5.43 -7.38
N GLU D 100 -36.42 4.44 -8.24
CA GLU D 100 -37.59 3.68 -8.66
C GLU D 100 -38.23 2.91 -7.52
N VAL D 101 -37.40 2.52 -6.57
CA VAL D 101 -37.80 1.75 -5.38
C VAL D 101 -38.13 2.69 -4.20
N GLY D 102 -38.01 4.00 -4.45
CA GLY D 102 -38.31 5.01 -3.43
C GLY D 102 -37.18 5.31 -2.48
N LEU D 103 -35.99 4.78 -2.77
CA LEU D 103 -34.81 5.04 -1.92
C LEU D 103 -33.96 6.13 -2.55
N SER D 104 -32.96 6.60 -1.80
CA SER D 104 -32.02 7.65 -2.29
C SER D 104 -30.60 7.27 -1.99
N LEU D 105 -29.65 7.92 -2.65
CA LEU D 105 -28.21 7.66 -2.39
C LEU D 105 -27.89 7.86 -0.93
N ARG D 106 -28.52 8.88 -0.33
CA ARG D 106 -28.30 9.15 1.08
C ARG D 106 -28.68 7.93 1.91
N ASP D 107 -29.81 7.31 1.60
CA ASP D 107 -30.24 6.10 2.29
C ASP D 107 -29.13 5.04 2.23
N ALA D 108 -28.63 4.81 1.01
CA ALA D 108 -27.59 3.80 0.77
C ALA D 108 -26.33 4.09 1.58
N ALA D 109 -25.85 5.33 1.48
CA ALA D 109 -24.68 5.78 2.22
C ALA D 109 -24.84 5.47 3.70
N GLU D 110 -26.04 5.70 4.23
CA GLU D 110 -26.31 5.51 5.65
C GLU D 110 -26.54 4.04 6.02
N ALA D 111 -26.83 3.20 5.04
CA ALA D 111 -27.09 1.77 5.30
C ALA D 111 -25.87 1.09 5.89
N GLU D 112 -26.12 0.24 6.88
CA GLU D 112 -25.05 -0.46 7.59
C GLU D 112 -24.63 -1.71 6.84
N PRO D 113 -23.42 -1.73 6.31
CA PRO D 113 -22.97 -2.92 5.59
C PRO D 113 -22.97 -4.15 6.50
N ASN D 114 -23.45 -5.28 5.99
CA ASN D 114 -23.47 -6.52 6.77
C ASN D 114 -22.07 -7.16 6.85
N ARG D 115 -21.94 -8.28 7.57
CA ARG D 115 -20.64 -8.92 7.80
C ARG D 115 -19.96 -9.42 6.52
N VAL D 116 -20.73 -10.09 5.67
CA VAL D 116 -20.20 -10.59 4.41
C VAL D 116 -19.66 -9.44 3.56
N ASN D 117 -20.47 -8.39 3.48
CA ASN D 117 -20.12 -7.20 2.74
C ASN D 117 -18.76 -6.68 3.22
N VAL D 118 -18.66 -6.39 4.51
CA VAL D 118 -17.41 -5.83 5.08
C VAL D 118 -16.21 -6.77 4.87
N SER D 119 -16.43 -8.06 5.14
CA SER D 119 -15.36 -9.05 5.00
C SER D 119 -14.89 -9.22 3.57
N TYR D 120 -15.84 -9.13 2.65
CA TYR D 120 -15.57 -9.32 1.24
C TYR D 120 -14.85 -8.10 0.69
N MET D 121 -15.33 -6.91 1.01
CA MET D 121 -14.64 -5.71 0.57
C MET D 121 -13.23 -5.71 1.20
N ALA D 122 -13.13 -6.15 2.44
CA ALA D 122 -11.83 -6.24 3.12
C ALA D 122 -10.90 -7.13 2.32
N TYR D 123 -11.42 -8.26 1.85
CA TYR D 123 -10.59 -9.23 1.12
C TYR D 123 -10.11 -8.68 -0.21
N LEU D 124 -11.01 -8.01 -0.94
CA LEU D 124 -10.66 -7.42 -2.24
C LEU D 124 -9.63 -6.29 -2.06
N LYS D 125 -9.85 -5.41 -1.08
CA LYS D 125 -8.94 -4.30 -0.78
C LYS D 125 -7.58 -4.78 -0.28
N SER D 126 -7.59 -5.75 0.62
CA SER D 126 -6.36 -6.35 1.11
C SER D 126 -5.60 -6.99 -0.05
N THR D 127 -6.28 -7.84 -0.82
CA THR D 127 -5.69 -8.49 -1.98
C THR D 127 -5.11 -7.50 -2.98
N CYS D 128 -5.86 -6.44 -3.24
CA CYS D 128 -5.43 -5.47 -4.25
C CYS D 128 -4.40 -4.48 -3.76
N ALA D 129 -4.22 -4.38 -2.46
CA ALA D 129 -3.23 -3.44 -1.92
C ALA D 129 -1.88 -4.13 -1.72
N LEU D 130 -1.86 -5.47 -1.76
CA LEU D 130 -0.63 -6.21 -1.45
C LEU D 130 -0.21 -7.31 -2.44
N GLU D 131 -1.15 -7.85 -3.22
CA GLU D 131 -0.81 -8.93 -4.15
C GLU D 131 -0.47 -8.42 -5.56
N GLY D 132 -0.13 -9.35 -6.44
CA GLY D 132 0.21 -9.03 -7.82
C GLY D 132 -1.01 -8.58 -8.59
N PHE D 133 -0.77 -7.99 -9.75
CA PHE D 133 -1.86 -7.46 -10.59
C PHE D 133 -2.82 -8.53 -11.09
N TYR D 134 -2.30 -9.54 -11.77
CA TYR D 134 -3.15 -10.62 -12.32
C TYR D 134 -3.85 -11.42 -11.20
N GLN D 135 -3.26 -11.41 -10.02
CA GLN D 135 -3.87 -12.07 -8.86
C GLN D 135 -5.00 -11.19 -8.32
N CYS D 136 -4.83 -9.86 -8.36
N CYS D 136 -4.80 -9.88 -8.37
CA CYS D 136 -5.92 -8.94 -8.00
CA CYS D 136 -5.88 -8.93 -8.06
C CYS D 136 -7.08 -9.10 -9.01
C CYS D 136 -7.06 -9.15 -9.01
N MET D 137 -6.75 -9.29 -10.29
CA MET D 137 -7.76 -9.52 -11.32
C MET D 137 -8.51 -10.83 -11.09
N ALA D 138 -7.80 -11.87 -10.66
CA ALA D 138 -8.45 -13.16 -10.33
C ALA D 138 -9.45 -13.00 -9.19
N ALA D 139 -9.19 -12.06 -8.27
CA ALA D 139 -10.09 -11.80 -7.15
C ALA D 139 -11.29 -11.00 -7.62
N LEU D 140 -11.07 -10.12 -8.59
CA LEU D 140 -12.13 -9.25 -9.10
C LEU D 140 -12.99 -9.88 -10.23
N LEU D 141 -12.55 -10.99 -10.81
CA LEU D 141 -13.27 -11.61 -11.93
C LEU D 141 -14.61 -12.28 -11.58
N PRO D 142 -14.67 -13.07 -10.49
CA PRO D 142 -15.94 -13.70 -10.10
C PRO D 142 -17.13 -12.76 -10.06
N CYS D 143 -16.92 -11.55 -9.57
CA CYS D 143 -17.98 -10.54 -9.51
C CYS D 143 -18.57 -10.25 -10.89
N PHE D 144 -17.71 -9.88 -11.84
CA PHE D 144 -18.18 -9.52 -13.17
C PHE D 144 -18.79 -10.73 -13.89
N TRP D 145 -18.03 -11.80 -13.91
CA TRP D 145 -18.38 -12.99 -14.66
C TRP D 145 -19.63 -13.71 -14.11
N SER D 146 -19.75 -13.84 -12.80
CA SER D 146 -20.86 -14.60 -12.22
C SER D 146 -22.19 -13.94 -12.53
N TYR D 147 -22.23 -12.62 -12.44
CA TYR D 147 -23.44 -11.87 -12.77
C TYR D 147 -23.88 -12.12 -14.23
N ALA D 148 -22.90 -12.17 -15.11
CA ALA D 148 -23.16 -12.48 -16.52
C ALA D 148 -23.76 -13.87 -16.66
N GLU D 149 -23.21 -14.83 -15.90
CA GLU D 149 -23.66 -16.21 -15.99
C GLU D 149 -25.00 -16.44 -15.26
N ILE D 150 -25.23 -15.68 -14.19
CA ILE D 150 -26.55 -15.68 -13.53
C ILE D 150 -27.62 -15.28 -14.55
N ALA D 151 -27.36 -14.18 -15.27
CA ALA D 151 -28.26 -13.65 -16.31
C ALA D 151 -28.47 -14.63 -17.44
N GLU D 152 -27.39 -15.28 -17.86
CA GLU D 152 -27.49 -16.24 -18.95
C GLU D 152 -28.40 -17.39 -18.56
N ARG D 153 -28.35 -17.77 -17.30
CA ARG D 153 -29.16 -18.88 -16.78
C ARG D 153 -30.63 -18.55 -16.61
N HIS D 154 -30.91 -17.47 -15.87
CA HIS D 154 -32.28 -17.11 -15.53
C HIS D 154 -32.87 -16.06 -16.46
N GLY D 155 -32.12 -15.65 -17.48
CA GLY D 155 -32.57 -14.61 -18.40
C GLY D 155 -33.92 -14.84 -19.02
N GLY D 156 -34.21 -16.09 -19.37
CA GLY D 156 -35.49 -16.42 -19.98
C GLY D 156 -36.68 -16.08 -19.12
N LYS D 157 -36.50 -16.12 -17.81
CA LYS D 157 -37.59 -15.88 -16.87
C LYS D 157 -38.08 -14.43 -16.86
N LEU D 158 -37.25 -13.50 -17.32
CA LEU D 158 -37.60 -12.07 -17.32
C LEU D 158 -38.84 -11.77 -18.15
N ARG D 159 -39.06 -12.54 -19.21
CA ARG D 159 -40.20 -12.33 -20.11
C ARG D 159 -41.53 -12.31 -19.34
N GLU D 160 -41.69 -13.24 -18.38
CA GLU D 160 -42.88 -13.32 -17.52
C GLU D 160 -42.77 -12.54 -16.18
N ASN D 161 -41.62 -11.92 -15.92
CA ASN D 161 -41.39 -11.14 -14.67
C ASN D 161 -42.19 -9.83 -14.71
N PRO D 162 -43.13 -9.65 -13.77
CA PRO D 162 -43.94 -8.45 -13.76
C PRO D 162 -43.35 -7.24 -13.05
N VAL D 163 -42.18 -7.37 -12.44
CA VAL D 163 -41.58 -6.27 -11.66
C VAL D 163 -40.60 -5.51 -12.53
N HIS D 164 -40.97 -4.31 -12.94
CA HIS D 164 -40.11 -3.49 -13.83
C HIS D 164 -38.70 -3.31 -13.29
N VAL D 165 -38.59 -2.82 -12.07
CA VAL D 165 -37.29 -2.63 -11.41
C VAL D 165 -36.38 -3.87 -11.45
N TYR D 166 -36.94 -5.05 -11.22
CA TYR D 166 -36.18 -6.32 -11.28
C TYR D 166 -35.65 -6.60 -12.70
N LYS D 167 -36.46 -6.27 -13.70
CA LYS D 167 -36.05 -6.39 -15.10
C LYS D 167 -34.99 -5.38 -15.45
N LYS D 168 -35.19 -4.15 -15.00
CA LYS D 168 -34.25 -3.06 -15.31
C LYS D 168 -32.87 -3.38 -14.78
N TRP D 169 -32.84 -3.90 -13.56
CA TRP D 169 -31.62 -4.34 -12.91
C TRP D 169 -30.93 -5.43 -13.76
N ALA D 170 -31.66 -6.47 -14.10
CA ALA D 170 -31.11 -7.61 -14.83
C ALA D 170 -30.61 -7.27 -16.23
N SER D 171 -31.25 -6.30 -16.88
CA SER D 171 -30.91 -5.93 -18.27
C SER D 171 -29.43 -5.73 -18.51
N VAL D 172 -28.76 -5.00 -17.61
CA VAL D 172 -27.33 -4.72 -17.74
C VAL D 172 -26.52 -6.00 -17.98
N TYR D 173 -26.79 -7.03 -17.20
CA TYR D 173 -25.99 -8.28 -17.23
C TYR D 173 -26.28 -9.09 -18.48
N LEU D 174 -27.44 -8.87 -19.09
CA LEU D 174 -27.78 -9.50 -20.37
C LEU D 174 -27.16 -8.77 -21.56
N SER D 175 -26.94 -7.46 -21.44
CA SER D 175 -26.49 -6.62 -22.57
C SER D 175 -25.21 -7.11 -23.25
N PRO D 176 -25.09 -6.88 -24.58
CA PRO D 176 -23.83 -7.22 -25.24
C PRO D 176 -22.61 -6.44 -24.70
N GLU D 177 -22.83 -5.25 -24.16
CA GLU D 177 -21.73 -4.46 -23.59
C GLU D 177 -21.15 -5.14 -22.33
N TYR D 178 -22.03 -5.63 -21.48
CA TYR D 178 -21.59 -6.28 -20.24
C TYR D 178 -20.88 -7.59 -20.52
N ARG D 179 -21.40 -8.36 -21.47
CA ARG D 179 -20.82 -9.66 -21.81
C ARG D 179 -19.46 -9.42 -22.42
N GLY D 180 -19.34 -8.39 -23.23
CA GLY D 180 -18.05 -8.01 -23.81
C GLY D 180 -17.01 -7.64 -22.76
N LEU D 181 -17.45 -6.98 -21.68
CA LEU D 181 -16.55 -6.58 -20.61
C LEU D 181 -15.92 -7.81 -19.95
N VAL D 182 -16.76 -8.77 -19.59
CA VAL D 182 -16.29 -10.02 -18.99
C VAL D 182 -15.25 -10.68 -19.89
N GLU D 183 -15.48 -10.67 -21.19
CA GLU D 183 -14.53 -11.28 -22.13
C GLU D 183 -13.17 -10.57 -22.18
N ARG D 184 -13.15 -9.25 -21.97
CA ARG D 184 -11.89 -8.48 -21.92
C ARG D 184 -11.08 -8.85 -20.67
N LEU D 185 -11.78 -8.98 -19.54
CA LEU D 185 -11.13 -9.39 -18.31
C LEU D 185 -10.60 -10.81 -18.47
N ARG D 186 -11.39 -11.69 -19.09
CA ARG D 186 -10.95 -13.06 -19.36
C ARG D 186 -9.66 -13.02 -20.19
N ALA D 187 -9.65 -12.18 -21.22
CA ALA D 187 -8.46 -12.00 -22.06
C ALA D 187 -7.24 -11.56 -21.23
N VAL D 188 -7.44 -10.58 -20.36
CA VAL D 188 -6.34 -10.07 -19.55
C VAL D 188 -5.69 -11.20 -18.74
N LEU D 189 -6.50 -11.96 -18.01
CA LEU D 189 -6.00 -13.09 -17.23
C LEU D 189 -5.46 -14.20 -18.12
N ASP D 190 -6.21 -14.56 -19.15
CA ASP D 190 -5.77 -15.61 -20.09
C ASP D 190 -4.41 -15.30 -20.74
N SER D 191 -4.10 -14.03 -20.96
CA SER D 191 -2.81 -13.64 -21.54
C SER D 191 -1.72 -13.47 -20.48
N SER D 192 -2.08 -13.50 -19.21
CA SER D 192 -1.12 -13.26 -18.13
C SER D 192 0.02 -14.27 -18.13
N GLY D 193 -0.29 -15.50 -18.51
CA GLY D 193 0.71 -16.56 -18.53
C GLY D 193 0.98 -17.13 -17.14
N LEU D 194 0.20 -16.69 -16.16
CA LEU D 194 0.28 -17.25 -14.82
C LEU D 194 -0.54 -18.51 -14.87
N SER D 195 -0.19 -19.48 -14.05
CA SER D 195 -0.88 -20.76 -14.03
C SER D 195 -2.21 -20.61 -13.31
N ALA D 196 -3.05 -21.62 -13.44
CA ALA D 196 -4.34 -21.64 -12.75
C ALA D 196 -4.12 -21.95 -11.28
N GLU D 197 -3.25 -22.92 -11.01
CA GLU D 197 -2.99 -23.41 -9.65
C GLU D 197 -2.47 -22.25 -8.79
N GLU D 198 -1.64 -21.40 -9.38
CA GLU D 198 -1.13 -20.21 -8.69
C GLU D 198 -2.21 -19.17 -8.44
N LEU D 199 -3.13 -19.05 -9.38
CA LEU D 199 -4.12 -17.97 -9.38
C LEU D 199 -5.38 -18.34 -8.59
N TRP D 200 -5.57 -19.62 -8.35
CA TRP D 200 -6.85 -20.12 -7.86
C TRP D 200 -7.34 -19.52 -6.55
N PRO D 201 -6.49 -19.51 -5.51
CA PRO D 201 -6.90 -19.02 -4.20
C PRO D 201 -7.69 -17.70 -4.25
N TYR D 202 -7.30 -16.80 -5.14
CA TYR D 202 -7.98 -15.51 -5.27
C TYR D 202 -9.37 -15.66 -5.93
N PHE D 203 -9.42 -16.41 -7.03
CA PHE D 203 -10.69 -16.68 -7.73
C PHE D 203 -11.66 -17.38 -6.77
N LYS D 204 -11.15 -18.38 -6.08
CA LYS D 204 -11.92 -19.16 -5.12
C LYS D 204 -12.57 -18.30 -4.05
N GLU D 205 -11.75 -17.61 -3.26
CA GLU D 205 -12.26 -16.86 -2.12
C GLU D 205 -13.36 -15.89 -2.57
N ALA D 206 -13.11 -15.13 -3.63
CA ALA D 206 -14.13 -14.21 -4.14
C ALA D 206 -15.37 -14.98 -4.55
N SER D 207 -15.20 -16.11 -5.22
CA SER D 207 -16.35 -16.92 -5.60
C SER D 207 -17.14 -17.30 -4.36
N LEU D 208 -16.46 -17.64 -3.27
CA LEU D 208 -17.15 -17.98 -2.02
C LEU D 208 -17.83 -16.78 -1.40
N TYR D 209 -17.22 -15.60 -1.48
CA TYR D 209 -17.87 -14.40 -0.95
C TYR D 209 -19.14 -14.07 -1.71
N GLU D 210 -19.12 -14.28 -3.03
CA GLU D 210 -20.29 -14.03 -3.87
C GLU D 210 -21.49 -14.87 -3.42
N LEU D 211 -21.24 -16.14 -3.12
CA LEU D 211 -22.31 -17.04 -2.65
C LEU D 211 -22.88 -16.54 -1.33
N GLU D 212 -22.00 -16.05 -0.46
CA GLU D 212 -22.39 -15.60 0.86
C GLU D 212 -23.03 -14.23 0.80
N PHE D 213 -22.60 -13.39 -0.15
CA PHE D 213 -23.19 -12.07 -0.31
C PHE D 213 -24.66 -12.20 -0.74
N TRP D 214 -24.94 -13.19 -1.58
CA TRP D 214 -26.31 -13.47 -2.01
C TRP D 214 -27.14 -14.01 -0.84
N GLN D 215 -26.60 -14.99 -0.13
CA GLN D 215 -27.31 -15.61 0.99
C GLN D 215 -27.59 -14.57 2.08
N ALA D 216 -26.62 -13.72 2.36
CA ALA D 216 -26.81 -12.67 3.35
C ALA D 216 -27.97 -11.76 2.95
N ALA D 217 -28.12 -11.50 1.65
CA ALA D 217 -29.20 -10.65 1.13
C ALA D 217 -30.55 -11.33 1.22
N TYR D 218 -30.56 -12.65 1.04
CA TYR D 218 -31.78 -13.44 1.10
C TYR D 218 -32.30 -13.61 2.51
N GLU D 219 -31.40 -13.60 3.49
CA GLU D 219 -31.75 -13.78 4.90
C GLU D 219 -32.15 -12.47 5.55
N GLY D 220 -31.50 -11.39 5.10
CA GLY D 220 -31.67 -10.03 5.63
C GLY D 220 -30.60 -9.59 6.62
N HIS D 221 -29.41 -10.19 6.53
CA HIS D 221 -28.33 -9.93 7.47
C HIS D 221 -27.27 -11.03 7.49
O1 PE4 E . 23.84 -5.33 12.96
C1 PE4 E . 23.12 -4.25 13.58
C2 PE4 E . 22.41 -3.43 12.51
O2 PE4 E . 23.33 -2.52 11.88
C3 PE4 E . 23.10 -2.40 10.46
C4 PE4 E . 23.73 -1.12 9.91
O3 PE4 E . 23.27 -0.85 8.58
C5 PE4 E . 24.11 0.07 7.90
C6 PE4 E . 23.57 0.47 6.53
O4 PE4 E . 24.04 1.77 6.16
C7 PE4 E . 23.15 2.79 6.62
C8 PE4 E . 23.76 4.16 6.41
O5 PE4 E . 22.98 5.23 7.00
C9 PE4 E . 22.58 5.09 8.38
C10 PE4 E . 23.77 4.77 9.32
O6 PE4 E . 23.33 4.69 10.68
C11 PE4 E . 24.36 4.94 11.65
C12 PE4 E . 24.32 3.91 12.77
C1 GOL F . -0.49 -0.24 0.85
O1 GOL F . 0.87 -0.08 1.17
C2 GOL F . -0.76 0.07 -0.64
O2 GOL F . 0.43 0.50 -1.30
C3 GOL F . -1.93 1.04 -0.81
O3 GOL F . -1.62 2.41 -0.62
O1 PE4 G . -8.57 18.04 -18.85
C1 PE4 G . -7.32 17.39 -19.11
C2 PE4 G . -6.38 17.50 -17.92
O2 PE4 G . -5.24 18.32 -18.22
C3 PE4 G . -4.48 18.44 -17.02
C4 PE4 G . -3.06 18.91 -17.27
O3 PE4 G . -2.41 19.08 -16.00
C5 PE4 G . -1.17 19.76 -16.15
C6 PE4 G . -0.13 19.19 -15.20
O4 PE4 G . 1.15 19.21 -15.87
C7 PE4 G . 1.41 18.01 -16.59
C8 PE4 G . 2.81 18.09 -17.19
O5 PE4 G . 3.22 16.86 -17.77
C9 PE4 G . 2.37 16.27 -18.79
C10 PE4 G . 2.00 17.26 -19.88
O6 PE4 G . 1.62 16.59 -21.08
C11 PE4 G . 1.09 17.47 -22.08
C12 PE4 G . -0.43 17.47 -22.05
P PO4 H . -15.52 -22.15 -24.21
O1 PO4 H . -14.13 -21.96 -24.76
O2 PO4 H . -16.52 -21.97 -25.32
O3 PO4 H . -15.64 -23.53 -23.62
O4 PO4 H . -15.79 -21.13 -23.13
O1 PE4 I . -25.76 -1.11 -10.86
C1 PE4 I . -26.56 -1.20 -9.67
C2 PE4 I . -26.07 -2.25 -8.68
O2 PE4 I . -24.67 -2.16 -8.45
C3 PE4 I . -24.22 -2.97 -7.36
C4 PE4 I . -22.89 -3.63 -7.67
O3 PE4 I . -22.89 -4.98 -7.18
C5 PE4 I . -22.37 -6.03 -8.04
C6 PE4 I . -21.79 -5.55 -9.35
O4 PE4 I . -21.40 -6.61 -10.23
C7 PE4 I . -20.71 -6.13 -11.42
C8 PE4 I . -21.40 -4.92 -12.05
O5 PE4 I . -20.65 -4.31 -13.09
C9 PE4 I . -21.44 -3.40 -13.85
C10 PE4 I . -20.52 -2.56 -14.71
O6 PE4 I . -21.26 -1.62 -15.50
C11 PE4 I . -20.40 -0.71 -16.22
C12 PE4 I . -20.94 -0.49 -17.63
O7 PE4 I . -21.01 -1.72 -18.40
C13 PE4 I . -20.54 -1.54 -19.73
#